data_3OUY
#
_entry.id   3OUY
#
_cell.length_a   111.217
_cell.length_b   228.075
_cell.length_c   58.459
_cell.angle_alpha   90.00
_cell.angle_beta   90.00
_cell.angle_gamma   90.00
#
_symmetry.space_group_name_H-M   'P 21 21 2'
#
loop_
_entity.id
_entity.type
_entity.pdbx_description
1 polymer 'CCA-Adding Enzyme'
2 polymer 'CCA-Adding Enzyme'
3 polymer 'RNA (35-MER)'
4 non-polymer 'SULFATE ION'
5 non-polymer 1,2-ETHANEDIOL
6 non-polymer 'PYROPHOSPHATE 2-'
7 water water
#
loop_
_entity_poly.entity_id
_entity_poly.type
_entity_poly.pdbx_seq_one_letter_code
_entity_poly.pdbx_strand_id
1 'polypeptide(L)'
;MKVEEILEKALELVIPDEEEVRKGREAEEELRRRLDELGVEYVFVGSYARNTWLKGSLEIDVFLLFPEEFSKEELRERGL
EIGKAVLDSYEIRYAEHPYVHGVVKGVEVDVVPCYKLKEPKNIKSAVDRTPFHHKWLEGRIKGKENEVRLLKGFLKANGI
YGAEYKVRGFSGYLCELLIVFYGSFLETVKNARRWTRRTVIDVAKGEVRKGEEFFVVDPVDEKRNVAANLSLDNLARFVH
LCREFMEAPSLGFFKPKHPLEIEPERLRKIVEERGTAVFAVKFRKPDIVDDNLYPQLERASRKIFEFLERENFMPLRSAF
KASEEFCYLLFECQIKEISRVFRRMGPQFEDERNVKKFLSRNRAFRPFIENGRWWAFEMRKFTTPEEGVRSYASTHWHTL
GKNVGESIREYFEIISGEKLFKEPVTAELCEMMGVKDCCCM
;
A
2 'polypeptide(L)'
;MKVEEILEKALELVIPDEEEVRKGREAEEELRRRLDELGVEYVFVGSYARNTWLKGSLEIDVFLLFPEEFSKEELRERGL
EIGKAVLDSYEIRYAEHPYVHGVVKGVEVDVVPCYKLKEPKNIKSAVDRTPFHHKWLEGRIKGKENEVRLLKGFLKANGI
YGAEYKVRGFSGYLCELLIVFYGSFLETVKNARRWTRRTVIDVAKGEVRKGEEFFVVDPVDEKRNVAANLSLDNLARFVH
LCREFMEAPSLGFFKPKHPLEIEPERLRKIVEERGTAVFAVKFRKPDIVDDNLYPQLERASRKIFEFLERENFMPLRSAF
KASEEFCYLLFECQIKEISRVFRRMGPQFEDERNVKKFLSRNRAFRPFIENGRWWAFEMRKFTTPEEGVRSYASTHWHTL
GKNVGESIREYFEIISGEKLFKEPVTAELCEMMGVKD
;
B
3 'polyribonucleotide' GGAAGUAGAUGGUUCAAGUCCAUUUACUUCCACCA C,D
#
# COMPACT_ATOMS: atom_id res chain seq x y z
N MET A 1 45.85 -0.59 -21.60
CA MET A 1 46.42 0.21 -20.47
C MET A 1 46.42 -0.58 -19.15
N LYS A 2 47.61 -0.93 -18.68
CA LYS A 2 47.75 -1.60 -17.39
C LYS A 2 47.32 -0.66 -16.27
N VAL A 3 46.82 -1.24 -15.19
CA VAL A 3 46.32 -0.46 -14.06
C VAL A 3 47.38 0.53 -13.49
N GLU A 4 48.65 0.16 -13.59
CA GLU A 4 49.74 0.96 -13.05
C GLU A 4 50.08 2.13 -13.96
N GLU A 5 49.58 2.07 -15.19
CA GLU A 5 49.86 3.05 -16.22
C GLU A 5 48.82 4.17 -16.17
N ILE A 6 47.57 3.78 -15.97
CA ILE A 6 46.47 4.72 -15.76
C ILE A 6 46.76 5.65 -14.56
N LEU A 7 47.30 5.06 -13.51
CA LEU A 7 47.64 5.79 -12.31
C LEU A 7 48.75 6.80 -12.52
N GLU A 8 49.80 6.42 -13.24
CA GLU A 8 50.82 7.41 -13.58
C GLU A 8 50.28 8.63 -14.34
N LYS A 9 49.36 8.41 -15.27
CA LYS A 9 48.64 9.52 -15.92
C LYS A 9 47.69 10.23 -14.94
N ALA A 10 47.09 9.48 -14.02
CA ALA A 10 46.16 10.05 -13.06
C ALA A 10 46.84 10.98 -12.05
N LEU A 11 48.14 10.81 -11.88
CA LEU A 11 48.91 11.66 -10.98
C LEU A 11 48.98 13.07 -11.52
N GLU A 12 49.03 13.23 -12.84
CA GLU A 12 49.03 14.56 -13.46
C GLU A 12 47.73 15.35 -13.19
N LEU A 13 46.63 14.63 -12.98
CA LEU A 13 45.38 15.27 -12.60
C LEU A 13 45.35 15.69 -11.11
N VAL A 14 46.28 15.18 -10.30
CA VAL A 14 46.23 15.43 -8.85
C VAL A 14 47.48 16.06 -8.20
N ILE A 15 48.68 15.72 -8.66
CA ILE A 15 49.89 16.38 -8.11
C ILE A 15 49.88 17.86 -8.48
N PRO A 16 49.94 18.74 -7.48
CA PRO A 16 50.08 20.15 -7.81
C PRO A 16 51.44 20.36 -8.46
N ASP A 17 51.47 21.17 -9.50
CA ASP A 17 52.72 21.53 -10.16
C ASP A 17 53.38 22.70 -9.41
N GLU A 18 54.60 23.06 -9.82
CA GLU A 18 55.46 23.99 -9.06
C GLU A 18 54.87 25.37 -8.72
N GLU A 19 54.31 26.05 -9.71
CA GLU A 19 53.76 27.39 -9.55
C GLU A 19 52.81 27.49 -8.36
N GLU A 20 52.06 26.43 -8.13
CA GLU A 20 51.05 26.37 -7.07
C GLU A 20 51.66 26.02 -5.70
N VAL A 21 52.78 25.29 -5.73
CA VAL A 21 53.49 24.96 -4.52
C VAL A 21 54.21 26.23 -4.06
N ARG A 22 54.78 26.96 -5.00
CA ARG A 22 55.49 28.18 -4.65
C ARG A 22 54.52 29.20 -4.09
N LYS A 23 53.39 29.37 -4.76
CA LYS A 23 52.40 30.33 -4.32
C LYS A 23 52.08 30.04 -2.88
N GLY A 24 51.81 28.76 -2.61
CA GLY A 24 51.61 28.26 -1.26
C GLY A 24 52.79 28.53 -0.33
N ARG A 25 54.02 28.28 -0.77
CA ARG A 25 55.18 28.46 0.09
C ARG A 25 55.30 29.90 0.55
N GLU A 26 55.02 30.85 -0.33
CA GLU A 26 55.18 32.25 0.04
C GLU A 26 53.97 32.87 0.68
N ALA A 27 52.85 32.16 0.58
CA ALA A 27 51.69 32.51 1.37
C ALA A 27 51.94 32.11 2.81
N GLU A 28 52.50 30.92 2.98
CA GLU A 28 52.83 30.37 4.30
C GLU A 28 53.78 31.24 5.07
N GLU A 29 54.88 31.63 4.43
CA GLU A 29 55.84 32.54 5.05
C GLU A 29 55.20 33.85 5.49
N GLU A 30 54.42 34.48 4.61
CA GLU A 30 53.76 35.71 4.95
C GLU A 30 52.88 35.53 6.19
N LEU A 31 52.13 34.43 6.21
CA LEU A 31 51.35 34.03 7.38
C LEU A 31 52.22 33.94 8.65
N ARG A 32 53.31 33.18 8.57
CA ARG A 32 54.26 33.09 9.67
C ARG A 32 54.65 34.48 10.18
N ARG A 33 55.18 35.36 9.31
CA ARG A 33 55.59 36.73 9.70
C ARG A 33 54.53 37.47 10.46
N ARG A 34 53.31 37.42 9.94
CA ARG A 34 52.18 38.08 10.56
C ARG A 34 51.83 37.48 11.91
N LEU A 35 51.73 36.16 12.00
CA LEU A 35 51.39 35.55 13.27
C LEU A 35 52.50 35.63 14.31
N ASP A 36 53.74 35.75 13.85
CA ASP A 36 54.87 35.98 14.76
C ASP A 36 54.81 37.38 15.35
N GLU A 37 54.61 38.36 14.48
CA GLU A 37 54.49 39.72 14.88
C GLU A 37 53.48 39.92 15.99
N LEU A 38 52.43 39.09 16.01
CA LEU A 38 51.37 39.20 17.02
C LEU A 38 51.63 38.38 18.27
N GLY A 39 52.63 37.50 18.22
CA GLY A 39 53.09 36.76 19.38
C GLY A 39 52.03 35.83 19.90
N VAL A 40 51.40 35.10 18.99
CA VAL A 40 50.30 34.18 19.35
C VAL A 40 50.69 32.73 19.06
N GLU A 41 50.11 31.79 19.80
CA GLU A 41 50.31 30.36 19.50
C GLU A 41 49.52 29.92 18.28
N TYR A 42 50.22 29.42 17.28
CA TYR A 42 49.54 28.88 16.10
C TYR A 42 50.29 27.67 15.61
N VAL A 43 49.66 26.95 14.70
CA VAL A 43 50.24 25.76 14.12
C VAL A 43 49.55 25.56 12.78
N PHE A 44 50.27 25.01 11.81
CA PHE A 44 49.69 24.68 10.52
C PHE A 44 49.35 23.22 10.50
N VAL A 45 48.10 22.93 10.14
CA VAL A 45 47.63 21.56 10.12
C VAL A 45 46.97 21.34 8.77
N GLY A 46 46.15 20.29 8.63
CA GLY A 46 45.48 19.99 7.37
C GLY A 46 46.35 19.56 6.20
N SER A 47 45.77 19.55 5.02
CA SER A 47 46.40 18.92 3.87
C SER A 47 47.61 19.71 3.36
N TYR A 48 47.61 21.02 3.53
CA TYR A 48 48.73 21.82 3.07
C TYR A 48 49.97 21.48 3.85
N ALA A 49 49.81 21.38 5.17
CA ALA A 49 50.98 21.15 6.02
C ALA A 49 51.43 19.69 6.06
N ARG A 50 50.77 18.81 5.30
CA ARG A 50 51.12 17.39 5.19
C ARG A 50 51.39 17.02 3.73
N ASN A 51 51.20 17.98 2.86
CA ASN A 51 51.42 17.82 1.42
C ASN A 51 50.51 16.85 0.74
N THR A 52 49.22 16.90 1.08
CA THR A 52 48.24 15.96 0.54
C THR A 52 47.05 16.64 -0.13
N TRP A 53 47.21 17.93 -0.40
CA TRP A 53 46.18 18.70 -1.03
C TRP A 53 46.26 18.45 -2.52
N LEU A 54 45.13 18.66 -3.19
CA LEU A 54 44.92 18.31 -4.60
C LEU A 54 45.35 19.46 -5.54
N LYS A 55 45.89 19.09 -6.70
CA LYS A 55 46.15 20.06 -7.76
C LYS A 55 44.90 20.89 -7.97
N GLY A 56 45.04 22.19 -7.82
CA GLY A 56 43.95 23.09 -8.15
C GLY A 56 43.17 23.60 -6.98
N SER A 57 43.30 22.96 -5.83
CA SER A 57 42.54 23.40 -4.66
C SER A 57 43.42 23.53 -3.41
N LEU A 58 44.34 24.49 -3.46
CA LEU A 58 45.25 24.80 -2.38
C LEU A 58 44.56 25.71 -1.38
N GLU A 59 44.49 25.22 -0.15
CA GLU A 59 43.96 25.98 0.97
C GLU A 59 44.81 25.70 2.22
N ILE A 60 45.26 26.74 2.91
CA ILE A 60 46.12 26.58 4.09
C ILE A 60 45.27 26.70 5.33
N ASP A 61 45.41 25.76 6.26
CA ASP A 61 44.77 25.86 7.58
C ASP A 61 45.79 26.27 8.63
N VAL A 62 45.52 27.38 9.32
CA VAL A 62 46.31 27.83 10.45
C VAL A 62 45.42 27.70 11.65
N PHE A 63 45.92 27.07 12.70
CA PHE A 63 45.12 26.86 13.90
C PHE A 63 45.66 27.64 15.07
N LEU A 64 44.74 28.28 15.81
CA LEU A 64 45.11 29.06 16.99
C LEU A 64 44.82 28.27 18.23
N LEU A 65 45.84 28.18 19.06
CA LEU A 65 45.81 27.39 20.27
C LEU A 65 45.57 28.28 21.51
N PHE A 66 44.35 28.20 22.08
CA PHE A 66 43.94 29.03 23.22
C PHE A 66 43.86 28.24 24.53
N PRO A 67 43.97 28.93 25.68
CA PRO A 67 43.84 28.27 26.97
C PRO A 67 42.51 27.58 27.14
N GLU A 68 42.54 26.35 27.63
CA GLU A 68 41.33 25.56 27.80
C GLU A 68 40.22 26.28 28.54
N GLU A 69 40.60 27.15 29.46
CA GLU A 69 39.65 27.81 30.35
C GLU A 69 38.82 28.94 29.71
N PHE A 70 39.27 29.44 28.56
CA PHE A 70 38.53 30.46 27.81
C PHE A 70 37.07 30.05 27.55
N SER A 71 36.18 31.02 27.64
CA SER A 71 34.79 30.82 27.29
C SER A 71 34.65 30.70 25.79
N LYS A 72 33.60 30.01 25.38
CA LYS A 72 33.26 29.86 23.98
C LYS A 72 33.17 31.24 23.32
N GLU A 73 32.75 32.24 24.10
CA GLU A 73 32.58 33.59 23.59
C GLU A 73 33.93 34.27 23.42
N GLU A 74 34.86 33.89 24.30
CA GLU A 74 36.22 34.44 24.26
C GLU A 74 36.98 33.85 23.12
N LEU A 75 36.77 32.53 22.93
CA LEU A 75 37.40 31.75 21.87
C LEU A 75 37.05 32.42 20.58
N ARG A 76 35.83 32.92 20.51
CA ARG A 76 35.26 33.55 19.34
C ARG A 76 35.82 34.94 19.01
N GLU A 77 35.72 35.87 19.97
CA GLU A 77 36.22 37.22 19.77
C GLU A 77 37.69 37.25 19.39
N ARG A 78 38.50 36.46 20.10
CA ARG A 78 39.94 36.49 19.89
C ARG A 78 40.31 35.83 18.55
N GLY A 79 39.72 34.66 18.29
CA GLY A 79 39.89 33.97 17.02
C GLY A 79 39.68 34.90 15.83
N LEU A 80 38.56 35.62 15.86
CA LEU A 80 38.17 36.46 14.76
C LEU A 80 39.08 37.66 14.73
N GLU A 81 39.39 38.19 15.90
CA GLU A 81 40.25 39.34 16.01
C GLU A 81 41.54 39.04 15.24
N ILE A 82 42.15 37.89 15.54
CA ILE A 82 43.46 37.53 14.98
C ILE A 82 43.40 37.19 13.49
N GLY A 83 42.33 36.46 13.13
CA GLY A 83 42.12 36.00 11.77
C GLY A 83 41.97 37.20 10.87
N LYS A 84 41.03 38.08 11.22
CA LYS A 84 40.92 39.38 10.59
C LYS A 84 42.24 40.18 10.56
N ALA A 85 43.10 40.03 11.57
CA ALA A 85 44.31 40.87 11.64
C ALA A 85 45.40 40.40 10.70
N VAL A 86 45.25 39.17 10.25
CA VAL A 86 46.29 38.45 9.55
C VAL A 86 46.02 38.25 8.05
N LEU A 87 44.75 38.13 7.69
CA LEU A 87 44.35 37.94 6.32
C LEU A 87 44.29 39.26 5.54
N ASP A 88 44.57 39.19 4.25
CA ASP A 88 44.54 40.34 3.36
C ASP A 88 43.11 40.78 3.13
N SER A 89 42.20 39.82 3.16
CA SER A 89 40.78 40.05 2.97
C SER A 89 40.08 38.83 3.51
N TYR A 90 38.86 39.02 3.98
CA TYR A 90 38.24 37.95 4.75
C TYR A 90 36.75 37.90 4.55
N GLU A 91 36.12 37.02 5.30
CA GLU A 91 34.73 36.65 5.10
C GLU A 91 34.45 35.69 6.20
N ILE A 92 33.37 35.94 6.93
CA ILE A 92 33.04 35.15 8.09
C ILE A 92 31.67 34.55 7.87
N ARG A 93 31.67 33.28 7.50
CA ARG A 93 30.43 32.54 7.36
C ARG A 93 30.68 31.19 7.99
N TYR A 94 29.99 30.91 9.08
CA TYR A 94 30.11 29.58 9.69
C TYR A 94 28.76 29.10 10.26
N ALA A 95 28.67 27.83 10.61
CA ALA A 95 27.40 27.30 11.11
C ALA A 95 27.36 27.20 12.61
N GLU A 96 28.49 26.85 13.23
CA GLU A 96 28.55 26.78 14.68
C GLU A 96 29.91 27.20 15.20
N HIS A 97 30.97 26.57 14.75
CA HIS A 97 32.28 26.94 15.23
C HIS A 97 32.82 28.17 14.48
N PRO A 98 33.15 29.24 15.21
CA PRO A 98 33.61 30.48 14.60
C PRO A 98 35.01 30.33 14.05
N TYR A 99 35.26 30.93 12.89
CA TYR A 99 36.57 30.97 12.26
C TYR A 99 36.46 31.96 11.15
N VAL A 100 37.60 32.38 10.60
CA VAL A 100 37.57 33.32 9.51
C VAL A 100 38.27 32.76 8.29
N HIS A 101 37.62 32.87 7.14
CA HIS A 101 38.20 32.47 5.85
C HIS A 101 38.78 33.69 5.19
N GLY A 102 39.83 33.50 4.39
CA GLY A 102 40.39 34.62 3.70
C GLY A 102 41.41 34.26 2.68
N VAL A 103 42.21 35.27 2.35
CA VAL A 103 43.22 35.19 1.32
C VAL A 103 44.49 35.90 1.80
N VAL A 104 45.60 35.23 1.56
CA VAL A 104 46.91 35.80 1.79
C VAL A 104 47.73 35.53 0.52
N LYS A 105 48.21 36.61 -0.11
CA LYS A 105 49.00 36.51 -1.32
C LYS A 105 48.36 35.54 -2.34
N GLY A 106 47.08 35.79 -2.62
CA GLY A 106 46.35 35.03 -3.60
C GLY A 106 45.95 33.62 -3.19
N VAL A 107 46.18 33.24 -1.94
CA VAL A 107 45.83 31.86 -1.54
C VAL A 107 44.90 31.78 -0.32
N GLU A 108 44.03 30.77 -0.32
CA GLU A 108 42.98 30.61 0.67
C GLU A 108 43.43 30.06 2.02
N VAL A 109 42.90 30.68 3.06
CA VAL A 109 43.30 30.34 4.40
C VAL A 109 42.08 30.19 5.28
N ASP A 110 42.07 29.14 6.08
CA ASP A 110 41.19 29.14 7.21
C ASP A 110 42.09 29.46 8.36
N VAL A 111 41.67 30.43 9.17
CA VAL A 111 42.28 30.57 10.49
C VAL A 111 41.23 30.25 11.57
N VAL A 112 41.48 29.16 12.27
CA VAL A 112 40.47 28.52 13.12
C VAL A 112 40.98 28.50 14.55
N PRO A 113 40.25 29.15 15.48
CA PRO A 113 40.61 29.06 16.88
C PRO A 113 40.17 27.75 17.47
N CYS A 114 41.03 27.12 18.28
CA CYS A 114 40.64 25.97 19.09
C CYS A 114 41.27 26.03 20.48
N TYR A 115 40.97 25.02 21.30
CA TYR A 115 41.52 24.93 22.64
C TYR A 115 42.75 24.04 22.71
N LYS A 116 43.84 24.55 23.28
CA LYS A 116 45.04 23.74 23.45
C LYS A 116 44.83 22.67 24.54
N LEU A 117 44.68 21.42 24.15
CA LEU A 117 44.44 20.37 25.13
C LEU A 117 45.66 19.49 25.30
N LYS A 118 45.74 18.80 26.43
CA LYS A 118 46.78 17.78 26.56
C LYS A 118 46.37 16.49 25.89
N GLU A 119 45.07 16.20 25.90
CA GLU A 119 44.50 15.01 25.26
C GLU A 119 43.24 15.39 24.52
N PRO A 120 42.91 14.68 23.42
CA PRO A 120 41.62 14.95 22.79
C PRO A 120 40.47 14.06 23.29
N LYS A 121 40.46 13.71 24.59
CA LYS A 121 39.24 13.25 25.25
C LYS A 121 38.48 14.52 25.60
N ASN A 122 37.18 14.40 25.90
CA ASN A 122 36.38 15.55 26.37
C ASN A 122 36.78 16.88 25.71
N ILE A 123 36.67 16.85 24.39
CA ILE A 123 36.82 17.98 23.48
C ILE A 123 35.94 19.12 23.99
N LYS A 124 36.45 20.36 23.97
CA LYS A 124 35.62 21.45 24.40
C LYS A 124 34.92 22.12 23.22
N SER A 125 35.67 22.33 22.13
CA SER A 125 35.14 22.86 20.86
C SER A 125 35.14 21.72 19.86
N ALA A 126 34.40 21.88 18.77
CA ALA A 126 34.24 20.76 17.85
C ALA A 126 35.44 20.60 16.90
N VAL A 127 36.42 21.51 16.97
CA VAL A 127 37.58 21.36 16.10
C VAL A 127 38.82 20.84 16.82
N ASP A 128 38.66 20.53 18.10
CA ASP A 128 39.79 20.25 18.97
C ASP A 128 40.71 19.07 18.54
N ARG A 129 40.20 18.12 17.76
CA ARG A 129 40.97 16.92 17.40
C ARG A 129 41.99 17.25 16.33
N THR A 130 41.70 18.28 15.55
CA THR A 130 42.52 18.63 14.38
C THR A 130 44.05 18.72 14.56
N PRO A 131 44.55 19.45 15.57
CA PRO A 131 46.01 19.45 15.77
C PRO A 131 46.58 18.06 16.07
N PHE A 132 45.80 17.24 16.76
CA PHE A 132 46.19 15.85 17.04
C PHE A 132 46.14 14.98 15.78
N HIS A 133 45.15 15.25 14.91
CA HIS A 133 45.06 14.53 13.66
C HIS A 133 46.39 14.78 12.99
N HIS A 134 46.79 16.04 12.93
CA HIS A 134 48.05 16.35 12.31
C HIS A 134 49.20 15.60 12.95
N LYS A 135 49.21 15.58 14.28
CA LYS A 135 50.35 15.01 14.96
C LYS A 135 50.47 13.53 14.63
N TRP A 136 49.34 12.83 14.65
CA TRP A 136 49.28 11.40 14.37
C TRP A 136 49.71 11.02 12.94
N LEU A 137 49.29 11.81 11.97
CA LEU A 137 49.59 11.59 10.56
C LEU A 137 50.99 12.04 10.13
N GLU A 138 51.47 13.15 10.68
CA GLU A 138 52.77 13.72 10.32
C GLU A 138 53.80 12.73 9.77
N GLY A 139 54.12 11.71 10.56
CA GLY A 139 55.17 10.75 10.19
C GLY A 139 54.68 9.36 9.80
N ARG A 140 53.40 9.23 9.45
CA ARG A 140 52.95 7.96 8.90
C ARG A 140 52.62 8.14 7.43
N ILE A 141 52.34 9.37 7.06
CA ILE A 141 51.97 9.73 5.70
C ILE A 141 53.17 10.10 4.79
N LYS A 142 54.35 10.34 5.34
CA LYS A 142 55.49 10.66 4.47
C LYS A 142 55.63 9.54 3.46
N GLY A 143 55.85 9.92 2.21
CA GLY A 143 56.08 8.98 1.14
C GLY A 143 54.79 8.40 0.60
N LYS A 144 53.67 8.82 1.18
CA LYS A 144 52.37 8.31 0.73
C LYS A 144 51.46 9.42 0.24
N GLU A 145 51.91 10.65 0.40
CA GLU A 145 51.10 11.80 0.05
C GLU A 145 50.49 11.72 -1.36
N ASN A 146 51.17 11.08 -2.29
CA ASN A 146 50.56 10.89 -3.58
C ASN A 146 49.49 9.80 -3.62
N GLU A 147 49.65 8.75 -2.83
CA GLU A 147 48.55 7.78 -2.69
C GLU A 147 47.26 8.45 -2.16
N VAL A 148 47.42 9.39 -1.23
CA VAL A 148 46.31 10.18 -0.73
C VAL A 148 45.60 10.94 -1.88
N ARG A 149 46.38 11.69 -2.65
CA ARG A 149 45.80 12.50 -3.74
C ARG A 149 45.01 11.70 -4.77
N LEU A 150 45.59 10.59 -5.25
CA LEU A 150 44.86 9.61 -6.04
C LEU A 150 43.48 9.31 -5.45
N LEU A 151 43.42 9.00 -4.17
CA LEU A 151 42.13 8.71 -3.55
C LEU A 151 41.17 9.92 -3.52
N LYS A 152 41.73 11.11 -3.33
CA LYS A 152 40.91 12.28 -3.22
C LYS A 152 40.39 12.67 -4.58
N GLY A 153 41.21 12.52 -5.60
CA GLY A 153 40.79 12.90 -6.95
C GLY A 153 39.80 11.90 -7.50
N PHE A 154 39.94 10.68 -7.03
CA PHE A 154 39.09 9.59 -7.45
C PHE A 154 37.72 9.85 -6.87
N LEU A 155 37.67 10.28 -5.61
CA LEU A 155 36.38 10.51 -4.96
C LEU A 155 35.74 11.81 -5.44
N LYS A 156 36.57 12.83 -5.61
CA LYS A 156 36.15 14.12 -6.10
C LYS A 156 35.44 14.02 -7.44
N ALA A 157 35.97 13.18 -8.32
CA ALA A 157 35.47 13.07 -9.68
C ALA A 157 34.15 12.29 -9.73
N ASN A 158 33.83 11.61 -8.63
CA ASN A 158 32.61 10.84 -8.61
C ASN A 158 31.68 11.45 -7.59
N GLY A 159 32.01 12.69 -7.25
CA GLY A 159 31.14 13.56 -6.48
C GLY A 159 30.84 13.09 -5.07
N ILE A 160 31.78 12.34 -4.46
CA ILE A 160 31.66 11.90 -3.07
C ILE A 160 32.84 12.28 -2.16
N TYR A 161 33.61 13.29 -2.56
CA TYR A 161 34.61 13.88 -1.70
C TYR A 161 34.11 15.08 -0.90
N GLY A 162 34.23 15.00 0.43
CA GLY A 162 33.68 15.98 1.36
C GLY A 162 32.73 15.34 2.37
N ALA A 163 32.90 15.65 3.66
CA ALA A 163 31.99 15.17 4.67
C ALA A 163 30.82 16.13 4.94
N GLU A 164 30.86 17.33 4.35
CA GLU A 164 29.80 18.35 4.50
C GLU A 164 28.42 17.85 4.04
N TYR A 165 27.36 18.55 4.43
CA TYR A 165 26.03 18.02 4.15
C TYR A 165 25.70 18.03 2.67
N LYS A 166 26.24 18.98 1.93
CA LYS A 166 26.05 19.02 0.48
C LYS A 166 26.51 17.75 -0.20
N VAL A 167 27.28 16.94 0.51
CA VAL A 167 27.94 15.78 -0.11
C VAL A 167 27.73 14.46 0.63
N ARG A 168 27.88 14.51 1.95
CA ARG A 168 27.85 13.29 2.78
C ARG A 168 28.79 12.21 2.25
N GLY A 169 30.06 12.59 2.03
CA GLY A 169 31.06 11.75 1.40
C GLY A 169 32.23 11.48 2.31
N PHE A 170 33.45 11.62 1.79
CA PHE A 170 34.65 11.23 2.51
C PHE A 170 35.50 12.46 2.75
N SER A 171 35.91 12.70 3.99
CA SER A 171 36.82 13.83 4.22
C SER A 171 38.23 13.52 3.72
N GLY A 172 39.07 14.54 3.66
CA GLY A 172 40.44 14.34 3.24
C GLY A 172 41.15 13.54 4.28
N TYR A 173 40.84 13.86 5.53
CA TYR A 173 41.36 13.14 6.68
C TYR A 173 41.00 11.67 6.60
N LEU A 174 39.75 11.39 6.31
CA LEU A 174 39.31 10.00 6.15
C LEU A 174 40.19 9.32 5.11
N CYS A 175 40.50 10.06 4.04
CA CYS A 175 41.34 9.56 2.97
C CYS A 175 42.73 9.27 3.48
N GLU A 176 43.23 10.14 4.34
CA GLU A 176 44.57 9.95 4.82
C GLU A 176 44.58 8.67 5.66
N LEU A 177 43.66 8.58 6.60
CA LEU A 177 43.56 7.37 7.42
C LEU A 177 43.51 6.09 6.58
N LEU A 178 42.86 6.13 5.42
CA LEU A 178 42.69 4.94 4.61
C LEU A 178 44.00 4.50 3.99
N ILE A 179 44.78 5.47 3.52
CA ILE A 179 46.09 5.18 3.00
C ILE A 179 47.00 4.65 4.12
N VAL A 180 46.98 5.28 5.29
CA VAL A 180 47.80 4.74 6.38
C VAL A 180 47.38 3.31 6.64
N PHE A 181 46.08 3.06 6.68
CA PHE A 181 45.60 1.68 6.86
C PHE A 181 46.05 0.68 5.78
N TYR A 182 45.79 1.02 4.51
CA TYR A 182 46.01 0.08 3.39
C TYR A 182 47.39 0.18 2.76
N GLY A 183 47.97 1.36 2.74
CA GLY A 183 49.31 1.54 2.19
C GLY A 183 49.32 2.18 0.84
N SER A 184 48.25 2.04 0.07
CA SER A 184 48.17 2.68 -1.24
C SER A 184 46.72 2.93 -1.65
N PHE A 185 46.55 3.71 -2.72
CA PHE A 185 45.23 3.90 -3.34
C PHE A 185 44.73 2.59 -3.89
N LEU A 186 45.57 1.94 -4.70
CA LEU A 186 45.26 0.63 -5.24
C LEU A 186 44.77 -0.34 -4.17
N GLU A 187 45.50 -0.47 -3.06
CA GLU A 187 45.13 -1.39 -1.99
C GLU A 187 43.81 -0.98 -1.33
N THR A 188 43.65 0.31 -1.10
CA THR A 188 42.37 0.84 -0.64
C THR A 188 41.24 0.31 -1.52
N VAL A 189 41.29 0.63 -2.81
CA VAL A 189 40.25 0.25 -3.77
C VAL A 189 39.99 -1.26 -3.78
N LYS A 190 41.07 -2.04 -3.90
CA LYS A 190 40.97 -3.47 -3.89
C LYS A 190 40.17 -3.97 -2.68
N ASN A 191 40.41 -3.35 -1.53
CA ASN A 191 39.76 -3.78 -0.32
C ASN A 191 38.38 -3.22 -0.13
N ALA A 192 38.15 -1.98 -0.54
CA ALA A 192 36.83 -1.37 -0.42
C ALA A 192 35.74 -2.24 -1.05
N ARG A 193 36.11 -3.08 -2.00
CA ARG A 193 35.13 -3.89 -2.72
C ARG A 193 34.36 -4.80 -1.78
N ARG A 194 34.95 -5.05 -0.61
CA ARG A 194 34.43 -5.99 0.36
C ARG A 194 33.87 -5.28 1.57
N TRP A 195 33.89 -3.95 1.58
CA TRP A 195 33.30 -3.17 2.69
C TRP A 195 31.80 -3.37 2.76
N THR A 196 31.26 -3.38 3.97
CA THR A 196 29.83 -3.51 4.16
C THR A 196 29.36 -2.42 5.12
N ARG A 197 28.05 -2.22 5.16
CA ARG A 197 27.40 -1.32 6.09
C ARG A 197 27.65 -1.69 7.58
N ARG A 198 28.45 -2.73 7.84
CA ARG A 198 28.77 -3.06 9.21
C ARG A 198 30.26 -2.96 9.47
N THR A 199 30.99 -2.70 8.40
CA THR A 199 32.46 -2.62 8.48
C THR A 199 32.96 -1.54 9.44
N VAL A 200 33.91 -1.91 10.27
CA VAL A 200 34.52 -1.06 11.26
C VAL A 200 35.97 -1.16 10.96
N ILE A 201 36.60 -0.05 10.63
CA ILE A 201 38.02 0.00 10.41
C ILE A 201 38.68 0.72 11.58
N ASP A 202 39.46 -0.03 12.34
CA ASP A 202 40.15 0.54 13.50
C ASP A 202 41.68 0.66 13.27
N VAL A 203 42.10 1.81 12.76
CA VAL A 203 43.46 2.01 12.23
C VAL A 203 44.52 1.87 13.29
N ALA A 204 44.40 2.65 14.37
CA ALA A 204 45.33 2.51 15.51
C ALA A 204 45.56 1.05 15.93
N LYS A 205 44.50 0.24 15.88
CA LYS A 205 44.60 -1.17 16.29
C LYS A 205 44.89 -2.05 15.08
N GLY A 206 44.85 -1.45 13.91
CA GLY A 206 45.26 -2.12 12.68
C GLY A 206 44.33 -3.26 12.35
N GLU A 207 43.05 -3.01 12.55
CA GLU A 207 42.04 -4.05 12.57
C GLU A 207 40.75 -3.66 11.85
N VAL A 208 40.18 -4.65 11.17
CA VAL A 208 38.92 -4.55 10.49
C VAL A 208 37.98 -5.46 11.23
N ARG A 209 36.82 -4.93 11.57
CA ARG A 209 35.94 -5.58 12.52
C ARG A 209 34.51 -5.43 12.01
N LYS A 210 33.59 -6.29 12.48
CA LYS A 210 32.18 -6.08 12.15
C LYS A 210 31.47 -5.40 13.33
N GLY A 211 30.45 -4.57 13.06
CA GLY A 211 29.77 -3.83 14.10
C GLY A 211 28.33 -3.54 13.73
N GLU A 212 27.74 -2.52 14.36
CA GLU A 212 26.36 -2.07 14.07
C GLU A 212 26.29 -1.12 12.86
N GLU A 213 27.34 -0.33 12.63
CA GLU A 213 27.38 0.45 11.37
C GLU A 213 28.76 0.72 10.83
N PHE A 214 28.82 1.16 9.58
CA PHE A 214 30.07 1.46 8.98
C PHE A 214 30.68 2.48 9.88
N PHE A 215 31.85 2.14 10.40
CA PHE A 215 32.57 2.93 11.40
C PHE A 215 34.07 2.93 11.10
N VAL A 216 34.66 4.12 11.06
CA VAL A 216 36.12 4.28 10.92
C VAL A 216 36.69 5.01 12.14
N VAL A 217 37.33 4.23 13.04
CA VAL A 217 37.80 4.79 14.33
C VAL A 217 38.91 5.80 14.11
N ASP A 218 38.72 7.00 14.65
CA ASP A 218 39.78 8.00 14.71
C ASP A 218 40.90 7.50 15.62
N PRO A 219 42.19 7.59 15.18
CA PRO A 219 43.25 7.09 16.06
C PRO A 219 43.43 7.97 17.28
N VAL A 220 43.07 9.24 17.12
CA VAL A 220 43.17 10.28 18.12
C VAL A 220 42.04 10.30 19.17
N ASP A 221 40.90 9.65 18.84
CA ASP A 221 39.70 9.65 19.69
C ASP A 221 38.82 8.49 19.29
N GLU A 222 38.98 7.37 20.00
CA GLU A 222 38.31 6.13 19.71
C GLU A 222 36.80 6.23 19.60
N LYS A 223 36.22 7.30 20.15
CA LYS A 223 34.78 7.44 20.14
C LYS A 223 34.32 8.07 18.85
N ARG A 224 35.22 8.76 18.17
CA ARG A 224 34.88 9.45 16.92
C ARG A 224 34.72 8.47 15.75
N ASN A 225 33.65 8.62 14.98
CA ASN A 225 33.58 7.94 13.71
C ASN A 225 33.98 8.87 12.59
N VAL A 226 35.22 8.79 12.13
CA VAL A 226 35.62 9.69 11.02
C VAL A 226 34.61 9.66 9.85
N ALA A 227 33.95 8.50 9.64
CA ALA A 227 32.93 8.31 8.59
C ALA A 227 31.50 8.59 9.05
N ALA A 228 31.35 9.34 10.12
CA ALA A 228 30.02 9.60 10.67
C ALA A 228 29.03 10.14 9.64
N ASN A 229 29.45 11.12 8.84
CA ASN A 229 28.57 11.74 7.87
C ASN A 229 28.66 11.23 6.45
N LEU A 230 29.43 10.16 6.22
CA LEU A 230 29.38 9.44 4.95
C LEU A 230 28.02 8.73 4.84
N SER A 231 27.18 9.17 3.91
CA SER A 231 25.87 8.59 3.80
C SER A 231 25.99 7.13 3.42
N LEU A 232 25.06 6.29 3.87
CA LEU A 232 25.01 4.91 3.43
C LEU A 232 25.10 4.78 1.90
N ASP A 233 24.18 5.40 1.17
CA ASP A 233 24.19 5.32 -0.29
C ASP A 233 25.52 5.70 -0.92
N ASN A 234 26.15 6.78 -0.49
CA ASN A 234 27.49 7.10 -0.99
C ASN A 234 28.56 6.03 -0.66
N LEU A 235 28.48 5.41 0.51
CA LEU A 235 29.28 4.23 0.81
C LEU A 235 29.08 3.18 -0.31
N ALA A 236 27.82 2.88 -0.59
CA ALA A 236 27.47 1.86 -1.56
C ALA A 236 27.99 2.27 -2.94
N ARG A 237 27.87 3.54 -3.26
CA ARG A 237 28.40 4.05 -4.53
C ARG A 237 29.90 3.83 -4.58
N PHE A 238 30.61 4.23 -3.54
CA PHE A 238 32.06 3.99 -3.50
C PHE A 238 32.46 2.50 -3.63
N VAL A 239 31.84 1.58 -2.88
CA VAL A 239 32.30 0.19 -3.04
C VAL A 239 32.04 -0.23 -4.49
N HIS A 240 30.87 0.15 -5.01
CA HIS A 240 30.56 -0.16 -6.39
C HIS A 240 31.60 0.40 -7.36
N LEU A 241 31.95 1.69 -7.22
CA LEU A 241 32.96 2.34 -8.07
C LEU A 241 34.22 1.53 -8.12
N CYS A 242 34.61 1.07 -6.94
CA CYS A 242 35.78 0.23 -6.76
C CYS A 242 35.63 -1.07 -7.51
N ARG A 243 34.51 -1.74 -7.36
CA ARG A 243 34.36 -3.02 -8.04
C ARG A 243 34.45 -2.84 -9.55
N GLU A 244 33.84 -1.77 -10.04
CA GLU A 244 33.85 -1.45 -11.46
C GLU A 244 35.24 -1.13 -11.96
N PHE A 245 35.98 -0.40 -11.13
CA PHE A 245 37.29 0.09 -11.52
C PHE A 245 38.27 -1.05 -11.66
N MET A 246 38.26 -1.97 -10.71
CA MET A 246 39.13 -3.13 -10.78
C MET A 246 38.90 -4.02 -12.00
N GLU A 247 37.67 -4.10 -12.47
CA GLU A 247 37.32 -4.92 -13.62
C GLU A 247 37.71 -4.26 -14.94
N ALA A 248 37.62 -2.93 -14.98
CA ALA A 248 37.89 -2.20 -16.20
C ALA A 248 38.43 -0.80 -15.87
N PRO A 249 39.69 -0.74 -15.43
CA PRO A 249 40.34 0.49 -15.02
C PRO A 249 40.49 1.46 -16.21
N SER A 250 40.22 2.74 -15.98
CA SER A 250 40.54 3.78 -16.95
C SER A 250 40.79 5.14 -16.26
N LEU A 251 41.39 6.06 -17.02
CA LEU A 251 41.49 7.47 -16.64
C LEU A 251 40.10 8.10 -16.43
N GLY A 252 39.10 7.61 -17.16
CA GLY A 252 37.70 7.97 -16.90
C GLY A 252 37.37 8.25 -15.44
N PHE A 253 37.71 7.32 -14.55
CA PHE A 253 37.31 7.41 -13.15
C PHE A 253 37.88 8.62 -12.42
N PHE A 254 38.86 9.28 -13.01
CA PHE A 254 39.50 10.44 -12.36
C PHE A 254 39.12 11.73 -13.05
N LYS A 255 38.29 11.61 -14.09
CA LYS A 255 37.78 12.78 -14.83
C LYS A 255 36.33 13.04 -14.37
N PRO A 256 36.00 14.29 -14.04
CA PRO A 256 34.64 14.52 -13.57
C PRO A 256 33.65 14.72 -14.73
N LYS A 257 32.42 14.26 -14.53
CA LYS A 257 31.36 14.52 -15.48
C LYS A 257 30.61 15.80 -15.15
N HIS A 258 30.10 16.46 -16.19
CA HIS A 258 29.29 17.66 -16.04
C HIS A 258 28.04 17.39 -16.83
N PRO A 259 26.87 17.73 -16.27
CA PRO A 259 25.59 17.52 -16.95
C PRO A 259 25.50 18.26 -18.29
N LEU A 260 24.65 17.76 -19.15
CA LEU A 260 24.47 18.33 -20.46
C LEU A 260 23.24 19.24 -20.49
N GLU A 261 23.27 20.26 -21.34
CA GLU A 261 22.07 21.02 -21.66
C GLU A 261 21.13 20.05 -22.34
N ILE A 262 19.90 19.99 -21.87
CA ILE A 262 18.93 19.16 -22.56
C ILE A 262 17.80 20.04 -23.08
N GLU A 263 17.49 19.93 -24.38
CA GLU A 263 16.36 20.64 -24.95
C GLU A 263 15.11 20.29 -24.08
N PRO A 264 14.30 21.28 -23.73
CA PRO A 264 13.07 21.01 -22.99
C PRO A 264 12.10 20.06 -23.72
N GLU A 265 12.35 19.81 -24.99
CA GLU A 265 11.49 18.93 -25.76
C GLU A 265 11.81 17.48 -25.48
N ARG A 266 13.09 17.10 -25.62
CA ARG A 266 13.52 15.72 -25.32
C ARG A 266 12.96 15.38 -23.97
N LEU A 267 13.03 16.36 -23.07
CA LEU A 267 12.59 16.18 -21.69
C LEU A 267 11.08 15.94 -21.58
N ARG A 268 10.31 16.60 -22.45
CA ARG A 268 8.87 16.45 -22.49
C ARG A 268 8.51 15.05 -22.92
N LYS A 269 9.17 14.62 -23.98
CA LYS A 269 8.98 13.28 -24.55
C LYS A 269 9.31 12.18 -23.57
N ILE A 270 10.36 12.37 -22.79
CA ILE A 270 10.80 11.35 -21.84
C ILE A 270 9.75 11.21 -20.76
N VAL A 271 9.31 12.34 -20.22
CA VAL A 271 8.33 12.35 -19.16
C VAL A 271 7.00 11.71 -19.60
N GLU A 272 6.54 11.99 -20.82
CA GLU A 272 5.31 11.32 -21.30
C GLU A 272 5.47 9.82 -21.64
N GLU A 273 6.67 9.39 -22.00
CA GLU A 273 6.97 7.97 -22.10
C GLU A 273 6.76 7.24 -20.77
N ARG A 274 7.23 7.88 -19.70
CA ARG A 274 7.16 7.26 -18.38
C ARG A 274 5.74 7.36 -17.89
N GLY A 275 5.06 8.39 -18.39
CA GLY A 275 3.64 8.67 -18.13
C GLY A 275 3.37 9.11 -16.72
N THR A 276 4.22 9.98 -16.19
CA THR A 276 4.21 10.30 -14.76
C THR A 276 3.94 11.75 -14.56
N ALA A 277 3.55 12.14 -13.35
CA ALA A 277 3.51 13.55 -13.00
C ALA A 277 4.86 13.95 -12.41
N VAL A 278 5.44 15.01 -12.98
CA VAL A 278 6.66 15.59 -12.44
C VAL A 278 6.48 17.08 -12.17
N PHE A 279 6.91 17.51 -10.99
CA PHE A 279 6.72 18.91 -10.56
C PHE A 279 7.70 19.26 -9.47
N ALA A 280 7.98 20.55 -9.35
CA ALA A 280 8.87 21.07 -8.31
C ALA A 280 8.05 22.02 -7.46
N VAL A 281 8.44 22.21 -6.20
CA VAL A 281 7.86 23.32 -5.46
C VAL A 281 8.98 24.35 -5.35
N LYS A 282 8.75 25.51 -5.92
CA LYS A 282 9.80 26.50 -6.06
C LYS A 282 9.58 27.61 -5.05
N PHE A 283 10.67 28.05 -4.41
CA PHE A 283 10.60 29.08 -3.38
C PHE A 283 11.93 29.76 -3.23
N ARG A 284 11.87 31.00 -2.79
CA ARG A 284 13.02 31.83 -2.53
C ARG A 284 14.01 31.10 -1.62
N LYS A 285 15.31 31.30 -1.88
CA LYS A 285 16.37 30.60 -1.10
C LYS A 285 16.75 31.34 0.18
N PRO A 286 16.58 30.70 1.34
CA PRO A 286 16.86 31.38 2.60
C PRO A 286 18.33 31.68 2.65
N ASP A 287 18.71 32.88 3.08
CA ASP A 287 20.11 33.30 3.00
C ASP A 287 20.92 32.82 4.21
N ILE A 288 21.43 31.60 4.07
CA ILE A 288 22.07 30.86 5.17
C ILE A 288 23.15 29.96 4.58
N VAL A 289 23.98 29.38 5.44
CA VAL A 289 25.08 28.55 4.96
C VAL A 289 24.58 27.18 4.47
N ASP A 290 25.29 26.61 3.51
CA ASP A 290 24.98 25.30 2.98
C ASP A 290 24.67 24.29 4.05
N ASP A 291 25.48 24.23 5.10
CA ASP A 291 25.34 23.20 6.11
C ASP A 291 24.05 23.33 6.93
N ASN A 292 23.47 24.52 6.92
CA ASN A 292 22.14 24.68 7.47
C ASN A 292 21.10 24.37 6.41
N LEU A 293 21.33 24.87 5.20
CA LEU A 293 20.39 24.71 4.09
C LEU A 293 20.03 23.27 3.77
N TYR A 294 21.03 22.42 3.60
CA TYR A 294 20.83 21.15 2.90
C TYR A 294 20.05 20.10 3.64
N PRO A 295 20.34 19.92 4.95
CA PRO A 295 19.52 19.11 5.83
C PRO A 295 18.06 19.50 5.79
N GLN A 296 17.82 20.80 5.67
CA GLN A 296 16.46 21.33 5.65
C GLN A 296 15.78 20.99 4.33
N LEU A 297 16.54 21.08 3.24
CA LEU A 297 16.02 20.71 1.93
C LEU A 297 15.66 19.22 1.91
N GLU A 298 16.54 18.41 2.50
CA GLU A 298 16.32 17.00 2.74
C GLU A 298 15.08 16.84 3.57
N ARG A 299 14.93 17.65 4.62
CA ARG A 299 13.77 17.53 5.46
C ARG A 299 12.50 17.80 4.62
N ALA A 300 12.51 18.90 3.88
CA ALA A 300 11.37 19.26 3.05
C ALA A 300 11.02 18.12 2.12
N SER A 301 12.03 17.55 1.46
CA SER A 301 11.82 16.53 0.45
C SER A 301 11.08 15.40 1.05
N ARG A 302 11.63 14.87 2.13
CA ARG A 302 11.09 13.73 2.81
C ARG A 302 9.67 14.05 3.22
N LYS A 303 9.47 15.20 3.83
CA LYS A 303 8.18 15.47 4.46
C LYS A 303 7.05 15.44 3.47
N ILE A 304 7.32 16.06 2.30
CA ILE A 304 6.36 16.12 1.22
C ILE A 304 6.26 14.75 0.61
N PHE A 305 7.42 14.11 0.48
CA PHE A 305 7.49 12.80 -0.12
C PHE A 305 6.53 11.89 0.63
N GLU A 306 6.58 11.90 1.96
CA GLU A 306 5.79 10.98 2.75
C GLU A 306 4.31 11.32 2.66
N PHE A 307 4.03 12.60 2.43
CA PHE A 307 2.65 13.03 2.19
C PHE A 307 2.15 12.42 0.89
N LEU A 308 2.91 12.66 -0.18
CA LEU A 308 2.56 12.10 -1.47
C LEU A 308 2.32 10.59 -1.37
N GLU A 309 3.15 9.89 -0.61
CA GLU A 309 2.96 8.45 -0.49
C GLU A 309 1.70 8.09 0.28
N ARG A 310 1.44 8.71 1.42
CA ARG A 310 0.26 8.36 2.19
C ARG A 310 -1.08 8.79 1.58
N GLU A 311 -1.01 9.70 0.62
CA GLU A 311 -2.19 10.11 -0.11
C GLU A 311 -2.31 9.30 -1.39
N ASN A 312 -1.43 8.32 -1.53
CA ASN A 312 -1.46 7.35 -2.64
C ASN A 312 -1.13 7.85 -4.02
N PHE A 313 -0.29 8.87 -4.08
CA PHE A 313 0.17 9.36 -5.37
C PHE A 313 1.36 8.55 -5.84
N MET A 314 1.78 7.63 -4.97
CA MET A 314 2.86 6.68 -5.24
C MET A 314 4.03 7.39 -5.87
N PRO A 315 4.79 8.16 -5.06
CA PRO A 315 5.91 8.86 -5.66
C PRO A 315 7.09 7.89 -5.89
N LEU A 316 7.73 8.03 -7.04
CA LEU A 316 8.87 7.26 -7.40
C LEU A 316 10.10 7.77 -6.68
N ARG A 317 10.48 9.01 -6.93
CA ARG A 317 11.75 9.55 -6.46
C ARG A 317 11.61 11.02 -6.19
N SER A 318 12.46 11.55 -5.32
CA SER A 318 12.50 13.00 -5.06
C SER A 318 13.91 13.51 -5.22
N ALA A 319 14.02 14.80 -5.48
CA ALA A 319 15.32 15.46 -5.62
C ALA A 319 15.20 16.90 -5.19
N PHE A 320 16.30 17.61 -5.04
CA PHE A 320 16.21 19.02 -4.71
C PHE A 320 17.38 19.79 -5.23
N LYS A 321 17.18 21.07 -5.54
CA LYS A 321 18.24 21.92 -6.05
C LYS A 321 18.24 23.28 -5.37
N ALA A 322 19.40 23.76 -4.95
CA ALA A 322 19.58 25.19 -4.58
C ALA A 322 20.25 25.92 -5.73
N SER A 323 19.67 27.00 -6.18
CA SER A 323 20.32 27.79 -7.22
C SER A 323 20.70 29.11 -6.62
N GLU A 324 20.98 30.08 -7.49
CA GLU A 324 21.43 31.39 -7.05
C GLU A 324 20.44 32.04 -6.11
N GLU A 325 19.17 32.12 -6.54
CA GLU A 325 18.14 32.81 -5.74
C GLU A 325 16.97 31.93 -5.31
N PHE A 326 16.75 30.81 -6.00
CA PHE A 326 15.66 29.91 -5.60
C PHE A 326 16.11 28.52 -5.14
N CYS A 327 15.17 27.77 -4.61
CA CYS A 327 15.35 26.38 -4.32
C CYS A 327 14.24 25.62 -4.95
N TYR A 328 14.46 24.35 -5.24
CA TYR A 328 13.44 23.54 -5.91
C TYR A 328 13.32 22.21 -5.22
N LEU A 329 12.11 21.78 -4.93
CA LEU A 329 11.89 20.44 -4.40
C LEU A 329 11.18 19.67 -5.48
N LEU A 330 11.90 18.72 -6.06
CA LEU A 330 11.46 17.98 -7.22
C LEU A 330 10.83 16.67 -6.84
N PHE A 331 9.70 16.34 -7.46
CA PHE A 331 9.07 15.00 -7.29
C PHE A 331 8.51 14.42 -8.58
N GLU A 332 8.51 13.09 -8.63
CA GLU A 332 7.95 12.33 -9.75
C GLU A 332 7.00 11.28 -9.18
N CYS A 333 5.74 11.30 -9.60
CA CYS A 333 4.75 10.31 -9.11
C CYS A 333 4.16 9.45 -10.20
N GLN A 334 3.73 8.26 -9.80
CA GLN A 334 3.11 7.32 -10.71
C GLN A 334 1.64 7.61 -11.02
N ILE A 335 0.98 8.41 -10.18
CA ILE A 335 -0.43 8.66 -10.32
C ILE A 335 -0.61 10.12 -10.62
N LYS A 336 -1.03 10.45 -11.84
CA LYS A 336 -1.18 11.85 -12.26
C LYS A 336 -2.48 12.38 -11.69
N GLU A 337 -3.42 11.48 -11.45
CA GLU A 337 -4.77 11.86 -11.01
C GLU A 337 -5.44 10.68 -10.33
N ILE A 338 -6.06 10.96 -9.18
CA ILE A 338 -6.73 9.93 -8.41
C ILE A 338 -8.20 10.29 -8.34
N SER A 339 -9.03 9.30 -8.04
CA SER A 339 -10.49 9.49 -8.06
C SER A 339 -10.96 10.35 -6.92
N ARG A 340 -12.04 11.07 -7.13
CA ARG A 340 -12.56 11.94 -6.09
C ARG A 340 -13.05 11.11 -4.86
N VAL A 341 -13.78 10.02 -5.09
CA VAL A 341 -14.23 9.20 -3.96
C VAL A 341 -13.13 8.29 -3.44
N PHE A 342 -13.11 8.06 -2.12
CA PHE A 342 -12.21 7.09 -1.50
C PHE A 342 -12.90 6.43 -0.32
N ARG A 343 -12.37 5.28 0.14
CA ARG A 343 -12.93 4.52 1.28
C ARG A 343 -12.40 5.03 2.61
N ARG A 344 -13.29 5.12 3.60
CA ARG A 344 -12.87 5.38 4.97
C ARG A 344 -13.58 4.35 5.82
N MET A 345 -12.82 3.77 6.75
CA MET A 345 -13.31 2.67 7.57
C MET A 345 -14.05 3.12 8.83
N GLY A 346 -15.20 2.50 9.06
CA GLY A 346 -15.96 2.70 10.28
C GLY A 346 -15.85 1.50 11.19
N PRO A 347 -16.60 1.52 12.30
CA PRO A 347 -16.52 0.50 13.35
C PRO A 347 -17.13 -0.84 12.96
N GLN A 348 -16.94 -1.85 13.82
CA GLN A 348 -17.54 -3.17 13.61
C GLN A 348 -19.03 -3.10 13.89
N PHE A 349 -19.77 -4.10 13.42
CA PHE A 349 -21.23 -4.03 13.45
C PHE A 349 -21.84 -4.14 14.84
N GLU A 350 -21.06 -4.62 15.80
CA GLU A 350 -21.54 -4.86 17.15
C GLU A 350 -21.53 -3.62 18.07
N ASP A 351 -20.78 -2.60 17.67
CA ASP A 351 -20.71 -1.36 18.46
C ASP A 351 -21.87 -0.41 18.15
N GLU A 352 -23.04 -0.74 18.70
CA GLU A 352 -24.25 0.07 18.56
C GLU A 352 -23.94 1.53 18.76
N ARG A 353 -23.28 1.85 19.87
CA ARG A 353 -22.90 3.22 20.19
C ARG A 353 -22.18 3.92 19.03
N ASN A 354 -21.06 3.34 18.58
CA ASN A 354 -20.19 4.02 17.62
C ASN A 354 -20.67 4.00 16.17
N VAL A 355 -21.33 2.92 15.78
CA VAL A 355 -21.92 2.83 14.44
C VAL A 355 -22.90 3.97 14.23
N LYS A 356 -23.78 4.15 15.21
CA LYS A 356 -24.82 5.19 15.11
C LYS A 356 -24.22 6.58 15.23
N LYS A 357 -23.04 6.68 15.85
CA LYS A 357 -22.25 7.91 15.79
C LYS A 357 -21.61 8.03 14.43
N PHE A 358 -21.18 6.90 13.89
CA PHE A 358 -20.50 6.85 12.63
C PHE A 358 -21.40 7.25 11.47
N LEU A 359 -22.57 6.61 11.36
CA LEU A 359 -23.46 6.91 10.24
C LEU A 359 -24.38 8.10 10.49
N SER A 360 -24.09 8.84 11.56
CA SER A 360 -24.69 10.14 11.78
C SER A 360 -24.28 11.11 10.67
N ARG A 361 -23.00 11.10 10.32
CA ARG A 361 -22.43 12.06 9.38
C ARG A 361 -23.18 12.11 8.05
N ASN A 362 -23.39 13.32 7.56
CA ASN A 362 -24.06 13.56 6.29
C ASN A 362 -23.10 13.33 5.11
N ARG A 363 -23.47 12.40 4.22
CA ARG A 363 -22.61 11.95 3.12
C ARG A 363 -23.41 11.87 1.82
N ALA A 364 -22.72 11.97 0.69
CA ALA A 364 -23.40 11.85 -0.60
C ALA A 364 -23.86 10.41 -0.88
N PHE A 365 -23.10 9.43 -0.39
CA PHE A 365 -23.39 8.03 -0.70
C PHE A 365 -23.70 7.16 0.50
N ARG A 366 -24.68 6.29 0.32
CA ARG A 366 -25.08 5.29 1.29
C ARG A 366 -23.80 4.54 1.72
N PRO A 367 -23.50 4.53 3.04
CA PRO A 367 -22.39 3.72 3.55
C PRO A 367 -22.77 2.23 3.54
N PHE A 368 -21.78 1.36 3.72
CA PHE A 368 -22.03 -0.07 3.54
C PHE A 368 -21.26 -0.94 4.51
N ILE A 369 -21.78 -2.15 4.73
CA ILE A 369 -21.10 -3.18 5.54
C ILE A 369 -20.25 -4.13 4.70
N GLU A 370 -18.97 -4.23 5.05
CA GLU A 370 -18.08 -5.22 4.45
C GLU A 370 -17.32 -5.95 5.54
N ASN A 371 -17.10 -7.24 5.35
CA ASN A 371 -16.41 -8.05 6.34
C ASN A 371 -16.79 -7.69 7.79
N GLY A 372 -18.09 -7.56 8.02
CA GLY A 372 -18.60 -7.31 9.36
C GLY A 372 -18.34 -5.95 9.96
N ARG A 373 -17.74 -5.03 9.21
CA ARG A 373 -17.63 -3.67 9.69
C ARG A 373 -18.16 -2.67 8.69
N TRP A 374 -18.46 -1.47 9.16
CA TRP A 374 -19.03 -0.44 8.31
C TRP A 374 -17.94 0.30 7.56
N TRP A 375 -18.35 0.94 6.48
CA TRP A 375 -17.44 1.68 5.62
C TRP A 375 -18.19 2.84 4.98
N ALA A 376 -17.48 3.94 4.75
CA ALA A 376 -18.09 5.12 4.15
C ALA A 376 -17.30 5.47 2.93
N PHE A 377 -17.95 6.10 1.97
CA PHE A 377 -17.23 6.75 0.89
C PHE A 377 -17.07 8.22 1.28
N GLU A 378 -15.87 8.77 1.11
CA GLU A 378 -15.70 10.22 1.20
C GLU A 378 -15.10 10.80 -0.06
N MET A 379 -15.13 12.13 -0.15
CA MET A 379 -14.53 12.87 -1.25
C MET A 379 -13.20 13.41 -0.83
N ARG A 380 -12.22 13.26 -1.71
CA ARG A 380 -10.96 13.94 -1.55
C ARG A 380 -11.15 15.43 -1.86
N LYS A 381 -10.25 16.27 -1.37
CA LYS A 381 -10.31 17.70 -1.60
C LYS A 381 -9.31 18.05 -2.69
N PHE A 382 -8.51 17.07 -3.09
CA PHE A 382 -7.56 17.23 -4.18
C PHE A 382 -7.49 15.90 -4.90
N THR A 383 -7.31 15.95 -6.23
CA THR A 383 -7.21 14.73 -7.03
C THR A 383 -5.88 14.55 -7.77
N THR A 384 -5.03 15.58 -7.80
CA THR A 384 -3.73 15.46 -8.44
C THR A 384 -2.64 15.72 -7.41
N PRO A 385 -1.43 15.14 -7.60
CA PRO A 385 -0.41 15.38 -6.58
C PRO A 385 0.01 16.86 -6.48
N GLU A 386 -0.07 17.62 -7.58
CA GLU A 386 0.23 19.06 -7.49
C GLU A 386 -0.73 19.77 -6.57
N GLU A 387 -2.01 19.43 -6.65
CA GLU A 387 -3.00 20.07 -5.80
C GLU A 387 -2.74 19.65 -4.37
N GLY A 388 -2.49 18.36 -4.19
CA GLY A 388 -2.11 17.83 -2.90
C GLY A 388 -1.00 18.66 -2.26
N VAL A 389 0.08 18.91 -2.99
CA VAL A 389 1.17 19.58 -2.32
C VAL A 389 0.93 21.07 -2.15
N ARG A 390 0.11 21.67 -3.02
CA ARG A 390 -0.30 23.08 -2.85
C ARG A 390 -0.99 23.24 -1.50
N SER A 391 -1.78 22.23 -1.13
CA SER A 391 -2.47 22.20 0.15
C SER A 391 -1.50 21.91 1.28
N TYR A 392 -0.72 20.83 1.13
CA TYR A 392 0.19 20.39 2.16
C TYR A 392 1.20 21.47 2.56
N ALA A 393 1.86 22.08 1.59
CA ALA A 393 2.89 23.09 1.84
C ALA A 393 2.33 24.39 2.42
N SER A 394 1.12 24.76 2.00
CA SER A 394 0.43 25.91 2.58
C SER A 394 0.10 25.72 4.06
N THR A 395 -0.26 24.51 4.46
CA THR A 395 -0.74 24.28 5.81
C THR A 395 0.28 23.64 6.76
N HIS A 396 1.33 23.04 6.22
CA HIS A 396 2.35 22.39 7.02
C HIS A 396 3.74 22.98 6.82
N TRP A 397 3.83 24.20 6.31
CA TRP A 397 5.14 24.85 6.14
C TRP A 397 6.00 24.78 7.39
N HIS A 398 5.42 24.90 8.58
CA HIS A 398 6.26 24.86 9.78
C HIS A 398 7.11 23.60 9.86
N THR A 399 6.56 22.46 9.47
CA THR A 399 7.31 21.21 9.50
C THR A 399 8.45 21.14 8.47
N LEU A 400 8.54 22.10 7.57
CA LEU A 400 9.40 21.90 6.43
C LEU A 400 10.85 22.38 6.59
N GLY A 401 11.33 22.48 7.83
CA GLY A 401 12.66 23.05 8.08
C GLY A 401 12.45 24.49 8.54
N LYS A 402 13.24 24.94 9.52
CA LYS A 402 13.00 26.24 10.12
C LYS A 402 13.11 27.37 9.07
N ASN A 403 14.17 27.35 8.26
CA ASN A 403 14.37 28.41 7.27
C ASN A 403 13.62 28.23 5.98
N VAL A 404 13.74 27.06 5.36
CA VAL A 404 12.88 26.77 4.21
C VAL A 404 11.40 26.80 4.59
N GLY A 405 11.05 26.40 5.80
CA GLY A 405 9.66 26.42 6.22
C GLY A 405 9.12 27.84 6.19
N GLU A 406 9.88 28.77 6.79
CA GLU A 406 9.59 30.20 6.81
C GLU A 406 9.58 30.75 5.40
N SER A 407 10.39 30.18 4.51
CA SER A 407 10.42 30.66 3.15
C SER A 407 9.16 30.26 2.39
N ILE A 408 8.89 28.96 2.39
CA ILE A 408 7.68 28.41 1.79
C ILE A 408 6.42 29.16 2.24
N ARG A 409 6.32 29.48 3.52
CA ARG A 409 5.16 30.22 4.03
C ARG A 409 4.97 31.55 3.31
N GLU A 410 6.07 32.29 3.16
CA GLU A 410 6.05 33.61 2.57
C GLU A 410 5.64 33.53 1.13
N TYR A 411 6.00 32.43 0.48
CA TYR A 411 5.79 32.29 -0.94
C TYR A 411 6.28 30.94 -1.42
N PHE A 412 5.56 30.34 -2.36
CA PHE A 412 6.07 29.22 -3.15
C PHE A 412 5.17 29.05 -4.35
N GLU A 413 5.57 28.24 -5.31
CA GLU A 413 4.70 27.92 -6.43
C GLU A 413 5.03 26.51 -6.88
N ILE A 414 4.09 25.89 -7.58
CA ILE A 414 4.31 24.56 -8.14
C ILE A 414 4.40 24.69 -9.64
N ILE A 415 5.50 24.17 -10.19
CA ILE A 415 5.80 24.26 -11.62
C ILE A 415 5.87 22.85 -12.18
N SER A 416 5.30 22.64 -13.36
CA SER A 416 5.31 21.33 -13.99
C SER A 416 5.28 21.48 -15.50
N GLY A 417 5.46 20.39 -16.22
CA GLY A 417 5.47 20.44 -17.69
C GLY A 417 6.58 21.35 -18.22
N GLU A 418 6.34 22.01 -19.35
CA GLU A 418 7.39 22.82 -19.96
C GLU A 418 7.91 24.01 -19.15
N LYS A 419 7.03 24.63 -18.36
CA LYS A 419 7.52 25.72 -17.53
C LYS A 419 8.65 25.21 -16.64
N LEU A 420 8.54 23.95 -16.21
CA LEU A 420 9.55 23.29 -15.37
C LEU A 420 10.85 22.93 -16.10
N PHE A 421 10.75 22.59 -17.38
CA PHE A 421 11.93 22.18 -18.13
C PHE A 421 12.85 23.36 -18.50
N LYS A 422 12.33 24.59 -18.49
CA LYS A 422 13.20 25.72 -18.80
C LYS A 422 13.91 26.21 -17.55
N GLU A 423 13.60 25.58 -16.42
CA GLU A 423 14.16 25.91 -15.12
C GLU A 423 15.47 25.17 -14.84
N PRO A 424 16.44 25.80 -14.14
CA PRO A 424 17.74 25.14 -13.87
C PRO A 424 17.68 23.87 -12.98
N VAL A 425 16.88 22.89 -13.41
CA VAL A 425 16.74 21.61 -12.69
C VAL A 425 16.86 20.40 -13.60
N THR A 426 17.30 20.60 -14.85
CA THR A 426 17.39 19.50 -15.81
C THR A 426 18.38 18.44 -15.34
N ALA A 427 19.49 18.88 -14.77
CA ALA A 427 20.44 17.94 -14.21
C ALA A 427 19.82 16.98 -13.20
N GLU A 428 18.93 17.49 -12.35
CA GLU A 428 18.36 16.72 -11.26
C GLU A 428 17.29 15.81 -11.82
N LEU A 429 16.62 16.31 -12.84
CA LEU A 429 15.56 15.59 -13.53
C LEU A 429 16.13 14.36 -14.16
N CYS A 430 17.14 14.54 -15.03
CA CYS A 430 17.82 13.41 -15.65
C CYS A 430 18.32 12.42 -14.59
N GLU A 431 19.04 12.93 -13.60
CA GLU A 431 19.52 12.08 -12.51
C GLU A 431 18.36 11.31 -11.85
N MET A 432 17.24 11.97 -11.64
CA MET A 432 16.14 11.40 -10.88
C MET A 432 15.44 10.29 -11.63
N MET A 433 15.29 10.47 -12.95
CA MET A 433 14.61 9.50 -13.79
C MET A 433 15.57 8.52 -14.42
N GLY A 434 16.85 8.72 -14.17
CA GLY A 434 17.88 7.80 -14.63
C GLY A 434 17.98 7.88 -16.13
N VAL A 435 17.87 9.10 -16.67
CA VAL A 435 18.05 9.30 -18.10
C VAL A 435 19.48 8.96 -18.51
N LYS A 436 19.61 8.10 -19.51
CA LYS A 436 20.91 7.68 -20.02
C LYS A 436 21.55 8.82 -20.78
N ASP A 437 22.88 8.82 -20.84
CA ASP A 437 23.64 9.71 -21.73
C ASP A 437 23.30 11.20 -21.63
N CYS A 438 23.53 11.81 -20.47
CA CYS A 438 23.24 13.23 -20.29
C CYS A 438 24.26 13.91 -19.38
N CYS A 439 25.49 13.37 -19.44
CA CYS A 439 26.61 13.78 -18.63
C CYS A 439 27.80 13.58 -19.49
N CYS A 440 28.91 14.19 -19.13
CA CYS A 440 30.02 14.14 -20.02
C CYS A 440 31.36 14.52 -19.45
N MET A 441 32.41 14.18 -20.20
CA MET A 441 33.82 14.33 -19.87
C MET A 441 34.21 13.60 -18.62
N MET B 1 -45.20 4.36 14.27
CA MET B 1 -46.39 4.36 15.19
C MET B 1 -46.18 3.40 16.36
N LYS B 2 -47.25 3.11 17.12
CA LYS B 2 -47.21 2.08 18.15
C LYS B 2 -47.05 0.70 17.51
N VAL B 3 -46.24 -0.14 18.15
CA VAL B 3 -45.62 -1.30 17.50
C VAL B 3 -46.58 -2.42 17.07
N GLU B 4 -47.37 -2.94 18.00
CA GLU B 4 -48.30 -4.03 17.66
C GLU B 4 -49.23 -3.60 16.53
N GLU B 5 -49.56 -2.31 16.47
CA GLU B 5 -50.31 -1.71 15.36
C GLU B 5 -49.65 -2.06 14.05
N ILE B 6 -48.32 -1.91 14.01
CA ILE B 6 -47.53 -2.17 12.80
C ILE B 6 -47.62 -3.63 12.35
N LEU B 7 -47.62 -4.56 13.31
CA LEU B 7 -47.69 -6.00 13.00
C LEU B 7 -49.05 -6.39 12.45
N GLU B 8 -50.10 -5.75 12.96
CA GLU B 8 -51.48 -6.00 12.55
C GLU B 8 -51.63 -5.88 11.04
N LYS B 9 -51.38 -4.68 10.54
CA LYS B 9 -51.48 -4.37 9.11
C LYS B 9 -50.49 -5.19 8.27
N ALA B 10 -49.36 -5.57 8.89
CA ALA B 10 -48.29 -6.31 8.23
C ALA B 10 -48.53 -7.82 8.12
N LEU B 11 -49.38 -8.35 9.00
CA LEU B 11 -49.81 -9.74 8.94
C LEU B 11 -50.54 -10.04 7.64
N GLU B 12 -51.34 -9.09 7.17
CA GLU B 12 -52.11 -9.23 5.95
C GLU B 12 -51.28 -9.61 4.72
N LEU B 13 -49.99 -9.24 4.71
CA LEU B 13 -49.09 -9.52 3.58
C LEU B 13 -48.24 -10.78 3.71
N VAL B 14 -48.11 -11.31 4.92
CA VAL B 14 -47.44 -12.59 5.12
C VAL B 14 -48.41 -13.78 5.16
N ILE B 15 -49.65 -13.54 5.58
CA ILE B 15 -50.63 -14.62 5.72
C ILE B 15 -51.39 -14.90 4.43
N PRO B 16 -51.36 -16.17 3.96
CA PRO B 16 -52.11 -16.63 2.79
C PRO B 16 -53.63 -16.60 3.02
N ASP B 17 -54.38 -16.28 1.97
CA ASP B 17 -55.83 -16.27 2.02
C ASP B 17 -56.43 -17.64 1.73
N GLU B 18 -57.65 -17.86 2.17
CA GLU B 18 -58.37 -19.12 1.92
C GLU B 18 -58.27 -19.55 0.46
N GLU B 19 -58.45 -18.58 -0.43
CA GLU B 19 -58.18 -18.73 -1.84
C GLU B 19 -56.93 -19.60 -2.09
N GLU B 20 -55.79 -19.15 -1.60
CA GLU B 20 -54.51 -19.84 -1.79
C GLU B 20 -54.43 -21.14 -0.99
N VAL B 21 -54.98 -21.11 0.22
CA VAL B 21 -55.03 -22.29 1.09
C VAL B 21 -55.72 -23.47 0.39
N ARG B 22 -57.00 -23.30 0.07
CA ARG B 22 -57.78 -24.30 -0.66
C ARG B 22 -57.00 -24.87 -1.84
N LYS B 23 -56.35 -23.97 -2.59
CA LYS B 23 -55.52 -24.33 -3.74
C LYS B 23 -54.55 -25.45 -3.39
N GLY B 24 -53.85 -25.28 -2.27
CA GLY B 24 -52.94 -26.30 -1.75
C GLY B 24 -53.68 -27.52 -1.21
N ARG B 25 -54.67 -27.28 -0.35
CA ARG B 25 -55.43 -28.37 0.28
C ARG B 25 -55.77 -29.48 -0.70
N GLU B 26 -56.16 -29.08 -1.90
CA GLU B 26 -56.65 -30.02 -2.93
C GLU B 26 -55.53 -30.58 -3.80
N ALA B 27 -54.42 -29.85 -3.87
CA ALA B 27 -53.22 -30.35 -4.49
C ALA B 27 -52.59 -31.40 -3.59
N GLU B 28 -52.85 -31.27 -2.30
CA GLU B 28 -52.44 -32.26 -1.29
C GLU B 28 -53.33 -33.50 -1.33
N GLU B 29 -54.60 -33.30 -1.65
CA GLU B 29 -55.54 -34.41 -1.77
C GLU B 29 -55.20 -35.27 -2.98
N GLU B 30 -54.85 -34.62 -4.10
CA GLU B 30 -54.46 -35.34 -5.29
C GLU B 30 -53.21 -36.16 -5.00
N LEU B 31 -52.24 -35.50 -4.37
CA LEU B 31 -50.96 -36.08 -3.98
C LEU B 31 -51.15 -37.34 -3.13
N ARG B 32 -52.00 -37.25 -2.11
CA ARG B 32 -52.24 -38.38 -1.20
C ARG B 32 -52.82 -39.61 -1.91
N ARG B 33 -53.65 -39.39 -2.92
CA ARG B 33 -54.20 -40.49 -3.71
C ARG B 33 -53.12 -41.12 -4.60
N ARG B 34 -52.45 -40.26 -5.37
CA ARG B 34 -51.45 -40.70 -6.36
C ARG B 34 -50.29 -41.47 -5.74
N LEU B 35 -49.92 -41.10 -4.52
CA LEU B 35 -48.86 -41.76 -3.78
C LEU B 35 -49.27 -43.13 -3.20
N ASP B 36 -50.54 -43.27 -2.85
CA ASP B 36 -51.03 -44.46 -2.16
C ASP B 36 -51.40 -45.63 -3.05
N GLU B 37 -51.61 -45.35 -4.34
CA GLU B 37 -51.81 -46.40 -5.33
C GLU B 37 -50.46 -46.78 -5.94
N LEU B 38 -49.42 -46.65 -5.13
CA LEU B 38 -48.06 -47.04 -5.50
C LEU B 38 -47.37 -47.63 -4.29
N GLY B 39 -48.11 -47.71 -3.18
CA GLY B 39 -47.59 -48.19 -1.89
C GLY B 39 -46.21 -47.72 -1.46
N VAL B 40 -45.94 -46.42 -1.59
CA VAL B 40 -44.63 -45.86 -1.17
C VAL B 40 -44.71 -45.05 0.11
N GLU B 41 -43.79 -45.35 1.04
CA GLU B 41 -43.77 -44.67 2.32
C GLU B 41 -43.33 -43.22 2.13
N TYR B 42 -44.06 -42.30 2.77
CA TYR B 42 -43.85 -40.87 2.60
C TYR B 42 -44.38 -40.05 3.77
N VAL B 43 -43.82 -38.86 3.96
CA VAL B 43 -44.38 -37.87 4.86
C VAL B 43 -44.19 -36.48 4.28
N PHE B 44 -45.13 -35.57 4.58
CA PHE B 44 -45.03 -34.18 4.20
C PHE B 44 -44.20 -33.45 5.25
N VAL B 45 -43.41 -32.49 4.83
CA VAL B 45 -42.59 -31.72 5.75
C VAL B 45 -42.57 -30.26 5.33
N GLY B 46 -41.75 -29.47 6.01
CA GLY B 46 -41.54 -28.07 5.65
C GLY B 46 -42.65 -27.12 6.01
N SER B 47 -42.52 -25.88 5.57
CA SER B 47 -43.43 -24.82 5.94
C SER B 47 -44.86 -25.18 5.59
N TYR B 48 -45.04 -25.91 4.49
CA TYR B 48 -46.38 -26.34 4.14
C TYR B 48 -46.97 -27.20 5.24
N ALA B 49 -46.23 -28.22 5.67
CA ALA B 49 -46.76 -29.23 6.60
C ALA B 49 -46.85 -28.77 8.07
N ARG B 50 -46.56 -27.50 8.32
CA ARG B 50 -46.66 -26.93 9.66
C ARG B 50 -47.22 -25.51 9.58
N ASN B 51 -47.99 -25.24 8.52
CA ASN B 51 -48.63 -23.93 8.34
C ASN B 51 -47.73 -22.73 8.61
N THR B 52 -46.63 -22.64 7.86
CA THR B 52 -45.70 -21.51 7.98
C THR B 52 -45.19 -21.01 6.62
N TRP B 53 -45.87 -21.37 5.53
CA TRP B 53 -45.53 -20.81 4.22
C TRP B 53 -46.09 -19.40 4.10
N LEU B 54 -45.72 -18.69 3.03
CA LEU B 54 -46.07 -17.28 2.86
C LEU B 54 -47.15 -17.04 1.80
N LYS B 55 -47.88 -15.94 1.98
CA LYS B 55 -48.76 -15.40 0.94
C LYS B 55 -47.92 -15.17 -0.32
N GLY B 56 -48.17 -15.96 -1.36
CA GLY B 56 -47.47 -15.87 -2.64
C GLY B 56 -46.82 -17.19 -2.99
N SER B 57 -45.53 -17.28 -2.70
CA SER B 57 -44.77 -18.52 -2.86
C SER B 57 -45.33 -19.63 -1.98
N LEU B 58 -45.97 -20.61 -2.61
CA LEU B 58 -46.47 -21.77 -1.87
C LEU B 58 -45.78 -23.00 -2.40
N GLU B 59 -45.11 -23.71 -1.50
CA GLU B 59 -44.53 -25.00 -1.86
C GLU B 59 -44.90 -26.12 -0.88
N ILE B 60 -44.94 -27.33 -1.43
CA ILE B 60 -45.18 -28.57 -0.68
C ILE B 60 -43.96 -29.48 -0.76
N ASP B 61 -43.57 -30.02 0.39
CA ASP B 61 -42.41 -30.89 0.44
C ASP B 61 -42.87 -32.31 0.77
N VAL B 62 -42.66 -33.22 -0.18
CA VAL B 62 -42.94 -34.65 0.06
C VAL B 62 -41.65 -35.47 0.14
N PHE B 63 -41.50 -36.19 1.26
CA PHE B 63 -40.28 -36.92 1.53
C PHE B 63 -40.50 -38.43 1.51
N LEU B 64 -39.77 -39.06 0.60
CA LEU B 64 -39.82 -40.50 0.38
C LEU B 64 -38.87 -41.21 1.35
N LEU B 65 -39.45 -42.04 2.21
CA LEU B 65 -38.71 -42.78 3.24
C LEU B 65 -38.23 -44.11 2.67
N PHE B 66 -36.92 -44.33 2.77
CA PHE B 66 -36.23 -45.46 2.12
C PHE B 66 -35.40 -46.30 3.10
N PRO B 67 -35.33 -47.63 2.85
CA PRO B 67 -34.42 -48.50 3.58
C PRO B 67 -32.96 -48.10 3.37
N GLU B 68 -32.17 -48.21 4.44
CA GLU B 68 -30.83 -47.65 4.54
C GLU B 68 -29.78 -48.38 3.70
N GLU B 69 -29.99 -49.67 3.49
CA GLU B 69 -29.07 -50.50 2.72
C GLU B 69 -29.05 -50.12 1.25
N PHE B 70 -30.03 -49.31 0.83
CA PHE B 70 -30.12 -48.83 -0.54
C PHE B 70 -28.97 -47.87 -0.84
N SER B 71 -28.22 -48.16 -1.89
CA SER B 71 -27.09 -47.33 -2.29
C SER B 71 -27.60 -46.05 -2.93
N LYS B 72 -26.72 -45.06 -3.08
CA LYS B 72 -27.01 -43.80 -3.79
C LYS B 72 -27.47 -44.10 -5.24
N GLU B 73 -27.21 -45.33 -5.67
CA GLU B 73 -27.69 -45.88 -6.92
C GLU B 73 -29.21 -46.05 -6.89
N GLU B 74 -29.68 -46.99 -6.06
CA GLU B 74 -31.10 -47.34 -5.98
C GLU B 74 -31.94 -46.23 -5.37
N LEU B 75 -31.26 -45.32 -4.67
CA LEU B 75 -31.90 -44.16 -4.02
C LEU B 75 -32.33 -43.18 -5.09
N ARG B 76 -31.36 -42.70 -5.88
CA ARG B 76 -31.64 -41.84 -7.00
C ARG B 76 -32.70 -42.44 -7.91
N GLU B 77 -32.39 -43.60 -8.50
CA GLU B 77 -33.19 -44.14 -9.60
C GLU B 77 -34.67 -44.37 -9.29
N ARG B 78 -34.95 -45.08 -8.20
CA ARG B 78 -36.32 -45.29 -7.72
C ARG B 78 -36.98 -44.00 -7.24
N GLY B 79 -36.27 -43.26 -6.39
CA GLY B 79 -36.78 -42.00 -5.84
C GLY B 79 -37.13 -40.97 -6.89
N LEU B 80 -36.42 -41.00 -8.01
CA LEU B 80 -36.76 -40.11 -9.11
C LEU B 80 -37.95 -40.61 -9.92
N GLU B 81 -37.95 -41.90 -10.26
CA GLU B 81 -39.07 -42.52 -11.01
C GLU B 81 -40.41 -42.16 -10.37
N ILE B 82 -40.48 -42.29 -9.04
CA ILE B 82 -41.70 -42.09 -8.25
C ILE B 82 -42.31 -40.70 -8.43
N GLY B 83 -41.49 -39.67 -8.20
CA GLY B 83 -41.92 -38.28 -8.41
C GLY B 83 -42.30 -38.04 -9.86
N LYS B 84 -41.45 -38.53 -10.78
CA LYS B 84 -41.71 -38.49 -12.22
C LYS B 84 -43.06 -39.10 -12.60
N ALA B 85 -43.52 -40.05 -11.81
CA ALA B 85 -44.78 -40.72 -12.06
C ALA B 85 -45.91 -40.10 -11.23
N VAL B 86 -45.57 -39.18 -10.34
CA VAL B 86 -46.57 -38.56 -9.46
C VAL B 86 -47.00 -37.14 -9.88
N LEU B 87 -46.09 -36.37 -10.50
CA LEU B 87 -46.37 -34.97 -10.84
C LEU B 87 -46.90 -34.77 -12.26
N ASP B 88 -47.51 -33.61 -12.53
CA ASP B 88 -48.11 -33.31 -13.85
C ASP B 88 -47.05 -32.86 -14.83
N SER B 89 -46.04 -32.20 -14.31
CA SER B 89 -44.99 -31.64 -15.12
C SER B 89 -43.85 -31.52 -14.15
N TYR B 90 -42.63 -31.74 -14.62
CA TYR B 90 -41.49 -31.78 -13.71
C TYR B 90 -40.16 -31.30 -14.28
N GLU B 91 -39.29 -30.92 -13.36
CA GLU B 91 -37.90 -30.68 -13.65
C GLU B 91 -37.03 -31.49 -12.71
N ILE B 92 -35.83 -31.81 -13.18
CA ILE B 92 -34.84 -32.49 -12.38
C ILE B 92 -33.55 -31.76 -12.62
N ARG B 93 -33.38 -30.63 -11.94
CA ARG B 93 -32.10 -29.91 -11.88
C ARG B 93 -31.71 -29.85 -10.40
N TYR B 94 -30.46 -30.21 -10.08
CA TYR B 94 -29.98 -30.20 -8.68
C TYR B 94 -28.46 -30.20 -8.60
N ALA B 95 -27.91 -29.72 -7.49
CA ALA B 95 -26.46 -29.59 -7.36
C ALA B 95 -25.75 -30.84 -6.83
N GLU B 96 -26.27 -31.41 -5.75
CA GLU B 96 -25.69 -32.63 -5.16
C GLU B 96 -26.76 -33.71 -4.99
N HIS B 97 -27.64 -33.50 -4.01
CA HIS B 97 -28.73 -34.43 -3.68
C HIS B 97 -29.84 -34.42 -4.73
N PRO B 98 -30.23 -35.60 -5.22
CA PRO B 98 -31.27 -35.70 -6.24
C PRO B 98 -32.69 -35.63 -5.69
N TYR B 99 -33.52 -34.84 -6.37
CA TYR B 99 -34.96 -34.78 -6.12
C TYR B 99 -35.64 -34.38 -7.43
N VAL B 100 -36.97 -34.44 -7.44
CA VAL B 100 -37.75 -33.99 -8.59
C VAL B 100 -38.73 -32.87 -8.20
N HIS B 101 -38.70 -31.78 -8.94
CA HIS B 101 -39.57 -30.63 -8.70
C HIS B 101 -40.73 -30.61 -9.70
N GLY B 102 -41.94 -30.31 -9.24
CA GLY B 102 -43.09 -30.29 -10.15
C GLY B 102 -44.40 -29.65 -9.76
N VAL B 103 -45.40 -29.87 -10.61
CA VAL B 103 -46.71 -29.25 -10.49
C VAL B 103 -47.79 -30.30 -10.26
N VAL B 104 -48.64 -30.04 -9.27
CA VAL B 104 -49.83 -30.83 -9.03
C VAL B 104 -51.03 -29.90 -8.85
N LYS B 105 -51.94 -29.94 -9.82
CA LYS B 105 -53.10 -29.05 -9.87
C LYS B 105 -52.68 -27.62 -9.61
N GLY B 106 -51.78 -27.12 -10.45
CA GLY B 106 -51.35 -25.72 -10.41
C GLY B 106 -50.51 -25.25 -9.24
N VAL B 107 -50.09 -26.16 -8.37
CA VAL B 107 -49.24 -25.76 -7.22
C VAL B 107 -47.86 -26.44 -7.21
N GLU B 108 -46.88 -25.70 -6.71
CA GLU B 108 -45.47 -26.13 -6.57
C GLU B 108 -45.27 -27.32 -5.62
N VAL B 109 -44.51 -28.32 -6.05
CA VAL B 109 -44.20 -29.47 -5.17
C VAL B 109 -42.76 -29.95 -5.33
N ASP B 110 -42.22 -30.53 -4.25
CA ASP B 110 -40.90 -31.14 -4.22
C ASP B 110 -41.01 -32.54 -3.67
N VAL B 111 -40.51 -33.51 -4.40
CA VAL B 111 -40.44 -34.88 -3.87
C VAL B 111 -38.97 -35.31 -3.75
N VAL B 112 -38.61 -35.76 -2.55
CA VAL B 112 -37.21 -35.92 -2.18
C VAL B 112 -36.98 -37.27 -1.52
N PRO B 113 -36.21 -38.14 -2.18
CA PRO B 113 -35.76 -39.39 -1.59
C PRO B 113 -34.78 -39.13 -0.45
N CYS B 114 -34.96 -39.85 0.66
CA CYS B 114 -34.01 -39.79 1.76
C CYS B 114 -34.11 -41.07 2.58
N TYR B 115 -33.19 -41.25 3.52
CA TYR B 115 -33.16 -42.47 4.34
C TYR B 115 -34.01 -42.34 5.63
N LYS B 116 -34.79 -43.37 5.93
CA LYS B 116 -35.60 -43.36 7.14
C LYS B 116 -34.76 -43.90 8.29
N LEU B 117 -33.97 -43.02 8.91
CA LEU B 117 -33.12 -43.38 10.04
C LEU B 117 -33.91 -43.42 11.37
N LYS B 118 -33.21 -43.75 12.46
CA LYS B 118 -33.74 -43.58 13.80
C LYS B 118 -32.78 -42.64 14.55
N GLU B 119 -31.49 -42.82 14.28
CA GLU B 119 -30.43 -41.92 14.73
C GLU B 119 -30.04 -40.94 13.61
N PRO B 120 -30.10 -39.62 13.88
CA PRO B 120 -29.55 -38.61 12.95
C PRO B 120 -28.01 -38.52 12.95
N LYS B 121 -27.35 -39.13 13.95
CA LYS B 121 -25.88 -39.28 13.99
C LYS B 121 -25.40 -40.05 12.76
N ASN B 122 -24.17 -39.77 12.32
CA ASN B 122 -23.57 -40.43 11.14
C ASN B 122 -24.52 -40.46 9.93
N ILE B 123 -24.98 -39.28 9.54
CA ILE B 123 -26.01 -39.10 8.49
C ILE B 123 -25.59 -39.72 7.15
N LYS B 124 -26.56 -40.14 6.33
CA LYS B 124 -26.22 -40.70 5.01
C LYS B 124 -26.43 -39.73 3.85
N SER B 125 -27.68 -39.52 3.44
CA SER B 125 -27.97 -38.52 2.41
C SER B 125 -28.05 -37.14 3.05
N ALA B 126 -27.71 -36.12 2.27
CA ALA B 126 -27.61 -34.73 2.74
C ALA B 126 -28.86 -34.14 3.40
N VAL B 127 -30.04 -34.66 3.05
CA VAL B 127 -31.31 -34.10 3.54
C VAL B 127 -31.91 -34.84 4.74
N ASP B 128 -31.27 -35.94 5.14
CA ASP B 128 -31.88 -36.89 6.08
C ASP B 128 -32.36 -36.30 7.42
N ARG B 129 -31.86 -35.11 7.77
CA ARG B 129 -32.29 -34.40 8.98
C ARG B 129 -33.74 -33.96 8.88
N THR B 130 -34.18 -33.68 7.66
CA THR B 130 -35.44 -32.98 7.44
C THR B 130 -36.71 -33.64 8.02
N PRO B 131 -36.90 -34.97 7.82
CA PRO B 131 -38.02 -35.61 8.52
C PRO B 131 -37.91 -35.48 10.03
N PHE B 132 -36.69 -35.43 10.53
CA PHE B 132 -36.43 -35.28 11.96
C PHE B 132 -36.66 -33.85 12.41
N HIS B 133 -36.44 -32.91 11.48
CA HIS B 133 -36.75 -31.50 11.70
C HIS B 133 -38.24 -31.38 12.01
N HIS B 134 -39.03 -32.09 11.23
CA HIS B 134 -40.47 -32.05 11.33
C HIS B 134 -40.96 -32.69 12.63
N LYS B 135 -40.54 -33.94 12.85
CA LYS B 135 -40.83 -34.68 14.08
C LYS B 135 -40.61 -33.77 15.29
N TRP B 136 -39.51 -33.02 15.28
CA TRP B 136 -39.18 -32.15 16.42
C TRP B 136 -40.13 -30.96 16.50
N LEU B 137 -40.52 -30.46 15.34
CA LEU B 137 -41.23 -29.18 15.23
C LEU B 137 -42.76 -29.29 15.28
N GLU B 138 -43.30 -30.35 14.67
CA GLU B 138 -44.74 -30.65 14.63
C GLU B 138 -45.64 -29.91 15.61
N GLY B 139 -45.56 -30.34 16.88
CA GLY B 139 -46.44 -29.80 17.91
C GLY B 139 -45.85 -28.63 18.67
N ARG B 140 -44.53 -28.48 18.57
CA ARG B 140 -43.84 -27.38 19.23
C ARG B 140 -44.20 -26.02 18.66
N ILE B 141 -44.38 -25.95 17.34
CA ILE B 141 -44.67 -24.68 16.67
C ILE B 141 -46.11 -24.20 16.82
N LYS B 142 -47.01 -25.12 17.19
CA LYS B 142 -48.43 -24.85 17.26
C LYS B 142 -48.72 -23.51 17.95
N GLY B 143 -49.46 -22.65 17.26
CA GLY B 143 -49.71 -21.29 17.71
C GLY B 143 -48.76 -20.30 17.05
N LYS B 144 -47.47 -20.47 17.30
CA LYS B 144 -46.43 -19.53 16.88
C LYS B 144 -46.18 -19.49 15.36
N GLU B 145 -47.09 -20.05 14.57
CA GLU B 145 -46.96 -20.09 13.11
C GLU B 145 -46.99 -18.71 12.46
N ASN B 146 -47.78 -17.81 13.02
CA ASN B 146 -47.85 -16.43 12.54
C ASN B 146 -46.55 -15.65 12.75
N GLU B 147 -45.95 -15.88 13.91
CA GLU B 147 -44.72 -15.19 14.33
C GLU B 147 -43.54 -15.59 13.46
N VAL B 148 -43.52 -16.87 13.05
CA VAL B 148 -42.62 -17.35 12.00
C VAL B 148 -42.87 -16.54 10.74
N ARG B 149 -44.08 -16.65 10.20
CA ARG B 149 -44.48 -15.95 8.98
C ARG B 149 -44.04 -14.49 8.91
N LEU B 150 -44.08 -13.78 10.04
CA LEU B 150 -43.64 -12.39 10.07
C LEU B 150 -42.14 -12.29 9.84
N LEU B 151 -41.38 -13.20 10.46
CA LEU B 151 -39.92 -13.20 10.37
C LEU B 151 -39.45 -13.38 8.94
N LYS B 152 -40.05 -14.36 8.26
CA LYS B 152 -39.75 -14.64 6.85
C LYS B 152 -40.04 -13.42 5.96
N GLY B 153 -41.29 -12.94 5.98
CA GLY B 153 -41.68 -11.72 5.29
C GLY B 153 -40.71 -10.57 5.48
N PHE B 154 -40.28 -10.36 6.72
CA PHE B 154 -39.30 -9.33 7.08
C PHE B 154 -37.98 -9.54 6.34
N LEU B 155 -37.50 -10.78 6.39
CA LEU B 155 -36.25 -11.12 5.76
C LEU B 155 -36.33 -11.06 4.23
N LYS B 156 -37.45 -11.50 3.67
CA LYS B 156 -37.64 -11.49 2.21
C LYS B 156 -37.71 -10.06 1.68
N ALA B 157 -38.38 -9.17 2.41
CA ALA B 157 -38.49 -7.77 1.99
C ALA B 157 -37.16 -7.04 2.10
N ASN B 158 -36.31 -7.53 3.00
CA ASN B 158 -34.96 -7.02 3.13
C ASN B 158 -33.90 -7.93 2.48
N GLY B 159 -34.34 -8.81 1.58
CA GLY B 159 -33.46 -9.63 0.75
C GLY B 159 -32.46 -10.55 1.43
N ILE B 160 -32.80 -11.04 2.62
CA ILE B 160 -31.89 -11.92 3.36
C ILE B 160 -32.58 -13.20 3.87
N TYR B 161 -33.61 -13.62 3.15
CA TYR B 161 -34.24 -14.91 3.40
C TYR B 161 -33.71 -15.96 2.42
N GLY B 162 -33.40 -17.14 2.93
CA GLY B 162 -32.84 -18.22 2.11
C GLY B 162 -31.49 -18.67 2.64
N ALA B 163 -30.99 -19.78 2.10
CA ALA B 163 -29.70 -20.30 2.53
C ALA B 163 -28.78 -20.49 1.33
N GLU B 164 -29.37 -20.72 0.17
CA GLU B 164 -28.62 -20.82 -1.08
C GLU B 164 -27.57 -19.72 -1.25
N TYR B 165 -26.51 -20.04 -2.00
CA TYR B 165 -25.38 -19.12 -2.14
C TYR B 165 -25.72 -17.78 -2.77
N LYS B 166 -26.87 -17.70 -3.42
CA LYS B 166 -27.36 -16.46 -4.03
C LYS B 166 -27.69 -15.44 -2.95
N VAL B 167 -28.10 -15.93 -1.78
CA VAL B 167 -28.59 -15.07 -0.71
C VAL B 167 -27.69 -15.11 0.52
N ARG B 168 -27.09 -16.27 0.79
CA ARG B 168 -26.41 -16.52 2.06
C ARG B 168 -27.13 -15.90 3.27
N GLY B 169 -28.44 -16.10 3.34
CA GLY B 169 -29.28 -15.49 4.37
C GLY B 169 -29.69 -16.46 5.47
N PHE B 170 -30.99 -16.47 5.79
CA PHE B 170 -31.58 -17.31 6.84
C PHE B 170 -32.51 -18.39 6.28
N SER B 171 -32.21 -19.66 6.55
CA SER B 171 -33.14 -20.73 6.15
C SER B 171 -34.46 -20.59 6.89
N GLY B 172 -35.53 -21.14 6.31
CA GLY B 172 -36.86 -21.03 6.88
C GLY B 172 -37.10 -22.03 8.00
N TYR B 173 -36.06 -22.78 8.31
CA TYR B 173 -36.07 -23.67 9.43
C TYR B 173 -35.36 -22.96 10.58
N LEU B 174 -34.36 -22.16 10.25
CA LEU B 174 -33.70 -21.28 11.21
C LEU B 174 -34.70 -20.25 11.70
N CYS B 175 -35.54 -19.75 10.79
CA CYS B 175 -36.59 -18.79 11.14
C CYS B 175 -37.58 -19.36 12.16
N GLU B 176 -37.90 -20.64 12.02
CA GLU B 176 -38.81 -21.30 12.93
C GLU B 176 -38.16 -21.46 14.30
N LEU B 177 -36.88 -21.86 14.30
CA LEU B 177 -36.13 -22.07 15.54
C LEU B 177 -36.04 -20.79 16.39
N LEU B 178 -35.83 -19.66 15.72
CA LEU B 178 -35.72 -18.36 16.39
C LEU B 178 -37.01 -17.95 17.08
N ILE B 179 -38.13 -18.21 16.40
CA ILE B 179 -39.47 -17.93 16.96
C ILE B 179 -39.70 -18.86 18.14
N VAL B 180 -39.42 -20.14 17.92
CA VAL B 180 -39.48 -21.12 18.99
C VAL B 180 -38.62 -20.69 20.18
N PHE B 181 -37.41 -20.20 19.87
CA PHE B 181 -36.49 -19.74 20.90
C PHE B 181 -36.98 -18.48 21.61
N TYR B 182 -37.26 -17.43 20.84
CA TYR B 182 -37.62 -16.13 21.40
C TYR B 182 -39.11 -15.90 21.61
N GLY B 183 -39.90 -16.93 21.32
CA GLY B 183 -41.35 -16.85 21.55
C GLY B 183 -42.09 -16.19 20.40
N SER B 184 -41.65 -15.00 20.00
CA SER B 184 -42.36 -14.22 18.98
C SER B 184 -41.44 -13.40 18.08
N PHE B 185 -42.02 -12.83 17.02
CA PHE B 185 -41.31 -11.97 16.08
C PHE B 185 -40.71 -10.76 16.79
N LEU B 186 -41.47 -10.19 17.71
CA LEU B 186 -41.07 -8.96 18.42
C LEU B 186 -39.92 -9.17 19.38
N GLU B 187 -39.91 -10.32 20.07
CA GLU B 187 -38.82 -10.65 20.98
C GLU B 187 -37.56 -11.08 20.21
N THR B 188 -37.77 -11.60 19.00
CA THR B 188 -36.69 -12.05 18.15
C THR B 188 -35.90 -10.84 17.64
N VAL B 189 -36.62 -9.89 17.07
CA VAL B 189 -36.01 -8.63 16.63
C VAL B 189 -35.33 -7.96 17.81
N LYS B 190 -36.00 -7.98 18.97
CA LYS B 190 -35.50 -7.39 20.21
C LYS B 190 -34.09 -7.83 20.61
N ASN B 191 -33.84 -9.14 20.60
CA ASN B 191 -32.55 -9.70 21.04
C ASN B 191 -31.48 -9.76 19.95
N ALA B 192 -31.93 -9.85 18.70
CA ALA B 192 -31.04 -9.82 17.55
C ALA B 192 -30.05 -8.66 17.64
N ARG B 193 -30.57 -7.50 18.00
CA ARG B 193 -29.78 -6.29 18.16
C ARG B 193 -28.53 -6.53 18.99
N ARG B 194 -28.65 -7.40 20.01
CA ARG B 194 -27.55 -7.66 20.94
C ARG B 194 -26.65 -8.86 20.57
N TRP B 195 -26.93 -9.50 19.42
CA TRP B 195 -26.10 -10.61 18.93
C TRP B 195 -24.75 -10.11 18.49
N THR B 196 -23.71 -10.92 18.73
CA THR B 196 -22.39 -10.63 18.17
C THR B 196 -22.02 -11.68 17.13
N ARG B 197 -20.84 -11.54 16.53
CA ARG B 197 -20.37 -12.50 15.54
C ARG B 197 -19.96 -13.85 16.14
N ARG B 198 -20.00 -13.96 17.47
CA ARG B 198 -19.59 -15.18 18.16
C ARG B 198 -20.73 -15.81 18.98
N THR B 199 -21.91 -15.18 18.89
CA THR B 199 -23.15 -15.69 19.52
C THR B 199 -23.38 -17.16 19.17
N VAL B 200 -23.79 -17.96 20.16
CA VAL B 200 -24.08 -19.38 19.95
C VAL B 200 -25.45 -19.73 20.51
N ILE B 201 -26.39 -20.07 19.62
CA ILE B 201 -27.78 -20.32 20.00
C ILE B 201 -28.15 -21.81 20.02
N ASP B 202 -28.60 -22.28 21.19
CA ASP B 202 -29.05 -23.65 21.35
C ASP B 202 -30.50 -23.63 21.83
N VAL B 203 -31.33 -24.46 21.22
CA VAL B 203 -32.77 -24.41 21.48
C VAL B 203 -33.24 -25.52 22.43
N ALA B 204 -32.71 -26.74 22.25
CA ALA B 204 -33.06 -27.88 23.11
C ALA B 204 -32.38 -27.74 24.48
N LYS B 205 -31.74 -26.60 24.69
CA LYS B 205 -31.18 -26.22 25.98
C LYS B 205 -31.43 -24.74 26.32
N GLY B 206 -32.01 -24.00 25.38
CA GLY B 206 -32.38 -22.60 25.59
C GLY B 206 -31.34 -21.72 26.26
N GLU B 207 -30.11 -21.73 25.75
CA GLU B 207 -29.02 -20.93 26.31
C GLU B 207 -28.51 -19.89 25.31
N VAL B 208 -28.55 -18.61 25.72
CA VAL B 208 -27.97 -17.51 24.96
C VAL B 208 -26.47 -17.49 25.23
N ARG B 209 -25.74 -18.44 24.64
CA ARG B 209 -24.33 -18.67 24.99
C ARG B 209 -23.36 -18.10 23.95
N LYS B 210 -22.08 -17.97 24.32
CA LYS B 210 -21.09 -17.43 23.38
C LYS B 210 -19.95 -18.41 23.10
N GLY B 211 -19.39 -18.30 21.90
CA GLY B 211 -18.34 -19.22 21.44
C GLY B 211 -17.42 -18.63 20.38
N GLU B 212 -17.08 -19.46 19.40
CA GLU B 212 -15.99 -19.14 18.45
C GLU B 212 -16.47 -18.31 17.26
N GLU B 213 -17.70 -18.58 16.83
CA GLU B 213 -18.33 -17.85 15.73
C GLU B 213 -19.85 -18.11 15.74
N PHE B 214 -20.61 -17.34 14.95
CA PHE B 214 -22.08 -17.44 15.00
C PHE B 214 -22.59 -18.85 14.68
N PHE B 215 -23.14 -19.53 15.69
CA PHE B 215 -23.42 -20.97 15.63
C PHE B 215 -24.75 -21.35 16.30
N VAL B 216 -25.82 -21.44 15.52
CA VAL B 216 -27.12 -21.92 16.02
C VAL B 216 -27.16 -23.42 15.94
N VAL B 217 -27.39 -24.09 17.07
CA VAL B 217 -27.38 -25.55 17.08
C VAL B 217 -28.75 -26.17 16.84
N ASP B 218 -28.76 -27.10 15.89
CA ASP B 218 -29.93 -27.90 15.57
C ASP B 218 -30.27 -28.76 16.78
N PRO B 219 -31.56 -28.94 17.07
CA PRO B 219 -31.93 -29.90 18.11
C PRO B 219 -31.60 -31.33 17.70
N VAL B 220 -31.93 -31.68 16.46
CA VAL B 220 -31.80 -33.07 15.99
C VAL B 220 -30.37 -33.43 15.58
N ASP B 221 -29.52 -32.43 15.39
CA ASP B 221 -28.08 -32.64 15.32
C ASP B 221 -27.32 -31.55 16.06
N GLU B 222 -26.99 -31.86 17.31
CA GLU B 222 -26.19 -30.97 18.15
C GLU B 222 -25.04 -30.36 17.37
N LYS B 223 -24.40 -31.17 16.52
CA LYS B 223 -23.23 -30.76 15.75
C LYS B 223 -23.52 -29.94 14.49
N ARG B 224 -24.80 -29.71 14.18
CA ARG B 224 -25.19 -29.02 12.95
C ARG B 224 -25.38 -27.52 13.13
N ASN B 225 -24.69 -26.73 12.31
CA ASN B 225 -24.84 -25.28 12.32
C ASN B 225 -25.91 -24.79 11.36
N VAL B 226 -27.13 -24.62 11.89
CA VAL B 226 -28.27 -24.23 11.07
C VAL B 226 -28.03 -22.90 10.38
N ALA B 227 -27.17 -22.07 10.98
CA ALA B 227 -26.79 -20.78 10.42
C ALA B 227 -25.46 -20.82 9.69
N ALA B 228 -25.01 -22.02 9.33
CA ALA B 228 -23.70 -22.19 8.70
C ALA B 228 -23.52 -21.25 7.52
N ASN B 229 -24.49 -21.23 6.62
CA ASN B 229 -24.31 -20.49 5.37
C ASN B 229 -24.61 -18.99 5.41
N LEU B 230 -25.08 -18.50 6.54
CA LEU B 230 -25.35 -17.09 6.76
C LEU B 230 -24.03 -16.31 6.79
N SER B 231 -23.89 -15.38 5.84
CA SER B 231 -22.67 -14.61 5.68
C SER B 231 -22.51 -13.60 6.80
N LEU B 232 -21.27 -13.32 7.17
CA LEU B 232 -20.99 -12.39 8.25
C LEU B 232 -21.70 -11.06 8.00
N ASP B 233 -21.56 -10.55 6.79
CA ASP B 233 -22.18 -9.29 6.40
C ASP B 233 -23.69 -9.28 6.47
N ASN B 234 -24.32 -10.42 6.20
CA ASN B 234 -25.80 -10.51 6.28
C ASN B 234 -26.31 -10.67 7.70
N LEU B 235 -25.53 -11.35 8.55
CA LEU B 235 -25.80 -11.34 9.98
C LEU B 235 -25.62 -9.91 10.48
N ALA B 236 -24.60 -9.22 9.98
CA ALA B 236 -24.35 -7.82 10.30
C ALA B 236 -25.47 -6.92 9.82
N ARG B 237 -26.04 -7.25 8.67
CA ARG B 237 -27.15 -6.49 8.11
C ARG B 237 -28.42 -6.70 8.92
N PHE B 238 -28.61 -7.92 9.41
CA PHE B 238 -29.83 -8.27 10.12
C PHE B 238 -29.95 -7.55 11.45
N VAL B 239 -28.89 -7.64 12.26
CA VAL B 239 -28.90 -7.06 13.60
C VAL B 239 -28.94 -5.53 13.55
N HIS B 240 -28.59 -4.96 12.40
CA HIS B 240 -28.69 -3.53 12.23
C HIS B 240 -30.07 -3.10 11.76
N LEU B 241 -30.71 -3.94 10.93
CA LEU B 241 -32.04 -3.64 10.46
C LEU B 241 -32.96 -3.70 11.67
N CYS B 242 -32.72 -4.68 12.55
CA CYS B 242 -33.46 -4.83 13.79
C CYS B 242 -33.37 -3.62 14.69
N ARG B 243 -32.16 -3.11 14.90
CA ARG B 243 -31.93 -1.89 15.69
C ARG B 243 -32.69 -0.72 15.08
N GLU B 244 -32.76 -0.72 13.75
CA GLU B 244 -33.40 0.34 13.01
C GLU B 244 -34.92 0.24 13.11
N PHE B 245 -35.45 -0.96 12.89
CA PHE B 245 -36.88 -1.18 12.98
C PHE B 245 -37.41 -0.78 14.35
N MET B 246 -36.72 -1.21 15.40
CA MET B 246 -37.20 -0.96 16.74
C MET B 246 -37.36 0.53 17.04
N GLU B 247 -36.39 1.34 16.62
CA GLU B 247 -36.47 2.77 16.86
C GLU B 247 -37.57 3.50 16.07
N ALA B 248 -37.80 3.09 14.82
CA ALA B 248 -38.86 3.68 14.01
C ALA B 248 -39.61 2.62 13.18
N PRO B 249 -40.60 1.94 13.79
CA PRO B 249 -41.34 0.87 13.12
C PRO B 249 -42.25 1.38 12.00
N SER B 250 -42.11 0.78 10.82
CA SER B 250 -42.81 1.22 9.61
C SER B 250 -43.28 0.03 8.80
N LEU B 251 -44.29 0.26 7.95
CA LEU B 251 -44.78 -0.77 7.03
C LEU B 251 -43.76 -1.12 5.93
N GLY B 252 -42.90 -0.15 5.60
CA GLY B 252 -41.88 -0.30 4.54
C GLY B 252 -40.78 -1.29 4.81
N PHE B 253 -40.83 -1.95 5.97
CA PHE B 253 -39.85 -2.96 6.36
C PHE B 253 -40.37 -4.35 6.01
N PHE B 254 -41.59 -4.41 5.49
CA PHE B 254 -42.16 -5.64 4.97
C PHE B 254 -42.51 -5.49 3.49
N LYS B 255 -42.49 -4.24 3.02
CA LYS B 255 -42.62 -3.91 1.59
C LYS B 255 -41.31 -4.23 0.88
N PRO B 256 -41.30 -5.27 0.00
CA PRO B 256 -40.05 -5.48 -0.73
C PRO B 256 -39.66 -4.18 -1.43
N LYS B 257 -38.49 -3.64 -1.06
CA LYS B 257 -37.99 -2.41 -1.68
C LYS B 257 -37.48 -2.65 -3.08
N HIS B 258 -37.96 -1.86 -4.03
CA HIS B 258 -37.52 -2.02 -5.41
C HIS B 258 -36.57 -0.92 -5.89
N PRO B 259 -35.35 -1.33 -6.33
CA PRO B 259 -34.43 -0.35 -6.93
C PRO B 259 -34.86 -0.03 -8.38
N LEU B 260 -36.04 0.59 -8.51
CA LEU B 260 -36.56 1.11 -9.79
C LEU B 260 -35.42 1.75 -10.60
N GLU B 261 -34.94 1.02 -11.61
CA GLU B 261 -33.68 1.29 -12.33
C GLU B 261 -33.47 2.75 -12.78
N ILE B 262 -32.21 3.08 -13.02
CA ILE B 262 -31.76 4.45 -13.21
C ILE B 262 -31.34 4.71 -14.66
N GLU B 263 -31.44 5.96 -15.09
CA GLU B 263 -31.11 6.37 -16.46
C GLU B 263 -29.62 6.21 -16.76
N PRO B 264 -29.28 5.58 -17.91
CA PRO B 264 -27.89 5.50 -18.36
C PRO B 264 -27.11 6.83 -18.29
N GLU B 265 -27.83 7.95 -18.24
CA GLU B 265 -27.22 9.27 -18.19
C GLU B 265 -26.99 9.75 -16.75
N ARG B 266 -27.91 9.43 -15.84
CA ARG B 266 -27.74 9.79 -14.42
C ARG B 266 -26.67 8.93 -13.78
N LEU B 267 -26.48 7.75 -14.36
CA LEU B 267 -25.44 6.86 -13.93
C LEU B 267 -24.11 7.43 -14.40
N ARG B 268 -24.05 7.81 -15.68
CA ARG B 268 -22.86 8.36 -16.30
C ARG B 268 -22.33 9.50 -15.46
N LYS B 269 -23.24 10.41 -15.10
CA LYS B 269 -22.94 11.61 -14.35
C LYS B 269 -22.33 11.29 -12.99
N ILE B 270 -22.81 10.22 -12.38
CA ILE B 270 -22.39 9.83 -11.05
C ILE B 270 -20.94 9.33 -11.04
N VAL B 271 -20.59 8.54 -12.04
CA VAL B 271 -19.27 7.92 -12.11
C VAL B 271 -18.20 8.96 -12.42
N GLU B 272 -18.56 9.98 -13.20
CA GLU B 272 -17.57 11.01 -13.48
C GLU B 272 -17.47 11.93 -12.26
N GLU B 273 -18.57 11.98 -11.51
CA GLU B 273 -18.64 12.67 -10.22
C GLU B 273 -17.75 11.98 -9.20
N ARG B 274 -17.78 10.65 -9.17
CA ARG B 274 -16.92 9.88 -8.28
C ARG B 274 -15.52 9.84 -8.86
N GLY B 275 -15.42 10.06 -10.17
CA GLY B 275 -14.13 10.16 -10.88
C GLY B 275 -13.28 8.89 -10.93
N THR B 276 -13.94 7.73 -10.85
CA THR B 276 -13.28 6.44 -10.79
C THR B 276 -13.50 5.64 -12.07
N ALA B 277 -12.77 4.55 -12.23
CA ALA B 277 -12.95 3.71 -13.41
C ALA B 277 -13.89 2.54 -13.08
N VAL B 278 -15.11 2.57 -13.64
CA VAL B 278 -16.04 1.44 -13.50
C VAL B 278 -16.14 0.66 -14.79
N PHE B 279 -16.01 -0.65 -14.69
CA PHE B 279 -16.07 -1.50 -15.85
C PHE B 279 -16.43 -2.90 -15.36
N ALA B 280 -16.75 -3.77 -16.30
CA ALA B 280 -17.25 -5.12 -16.03
C ALA B 280 -16.58 -6.11 -16.97
N VAL B 281 -16.41 -7.35 -16.51
CA VAL B 281 -15.99 -8.39 -17.42
C VAL B 281 -17.20 -9.24 -17.70
N LYS B 282 -17.54 -9.37 -18.97
CA LYS B 282 -18.76 -10.02 -19.42
C LYS B 282 -18.43 -11.28 -20.17
N PHE B 283 -19.15 -12.34 -19.88
CA PHE B 283 -18.94 -13.63 -20.54
C PHE B 283 -20.23 -14.41 -20.53
N ARG B 284 -20.26 -15.49 -21.32
CA ARG B 284 -21.40 -16.41 -21.43
C ARG B 284 -21.67 -17.15 -20.11
N LYS B 285 -22.85 -16.97 -19.55
CA LYS B 285 -23.22 -17.64 -18.31
C LYS B 285 -23.15 -19.11 -18.60
N PRO B 286 -22.39 -19.88 -17.79
CA PRO B 286 -22.27 -21.34 -17.94
C PRO B 286 -23.61 -21.99 -17.71
N ASP B 287 -23.81 -23.23 -18.18
CA ASP B 287 -25.08 -23.91 -17.97
C ASP B 287 -25.12 -24.75 -16.72
N ILE B 288 -25.07 -24.09 -15.56
CA ILE B 288 -25.01 -24.79 -14.28
C ILE B 288 -26.01 -24.18 -13.29
N VAL B 289 -26.51 -25.01 -12.36
CA VAL B 289 -27.42 -24.54 -11.31
C VAL B 289 -26.82 -23.38 -10.51
N ASP B 290 -27.70 -22.57 -9.93
CA ASP B 290 -27.28 -21.39 -9.18
C ASP B 290 -26.23 -21.71 -8.11
N ASP B 291 -26.49 -22.79 -7.37
CA ASP B 291 -25.69 -23.16 -6.20
C ASP B 291 -24.29 -23.63 -6.56
N ASN B 292 -24.08 -23.98 -7.83
CA ASN B 292 -22.73 -24.07 -8.39
C ASN B 292 -22.21 -22.73 -8.87
N LEU B 293 -23.06 -21.92 -9.47
CA LEU B 293 -22.63 -20.69 -10.16
C LEU B 293 -22.06 -19.59 -9.24
N TYR B 294 -22.84 -19.16 -8.25
CA TYR B 294 -22.51 -18.00 -7.43
C TYR B 294 -21.23 -18.12 -6.63
N PRO B 295 -21.01 -19.26 -5.94
CA PRO B 295 -19.73 -19.35 -5.25
C PRO B 295 -18.60 -19.13 -6.27
N GLN B 296 -18.77 -19.69 -7.46
CA GLN B 296 -17.80 -19.58 -8.54
C GLN B 296 -17.59 -18.14 -8.95
N LEU B 297 -18.71 -17.41 -9.05
CA LEU B 297 -18.67 -16.02 -9.47
C LEU B 297 -18.00 -15.18 -8.40
N GLU B 298 -18.30 -15.49 -7.13
CA GLU B 298 -17.67 -14.88 -5.98
C GLU B 298 -16.17 -15.06 -6.07
N ARG B 299 -15.78 -16.29 -6.40
CA ARG B 299 -14.38 -16.63 -6.52
C ARG B 299 -13.74 -15.82 -7.64
N ALA B 300 -14.38 -15.81 -8.82
CA ALA B 300 -13.83 -15.11 -9.98
C ALA B 300 -13.63 -13.65 -9.66
N SER B 301 -14.64 -13.08 -9.00
CA SER B 301 -14.71 -11.69 -8.57
C SER B 301 -13.52 -11.32 -7.69
N ARG B 302 -13.30 -12.16 -6.68
CA ARG B 302 -12.30 -11.94 -5.65
C ARG B 302 -10.90 -11.98 -6.23
N LYS B 303 -10.67 -12.88 -7.18
CA LYS B 303 -9.33 -13.10 -7.71
C LYS B 303 -8.87 -11.87 -8.52
N ILE B 304 -9.79 -11.37 -9.34
CA ILE B 304 -9.54 -10.17 -10.10
C ILE B 304 -9.34 -8.98 -9.16
N PHE B 305 -10.17 -8.90 -8.12
CA PHE B 305 -10.09 -7.79 -7.17
C PHE B 305 -8.69 -7.81 -6.60
N GLU B 306 -8.30 -8.98 -6.12
CA GLU B 306 -6.99 -9.11 -5.50
C GLU B 306 -5.88 -8.75 -6.50
N PHE B 307 -6.02 -9.22 -7.74
CA PHE B 307 -5.10 -8.80 -8.81
C PHE B 307 -4.94 -7.28 -8.88
N LEU B 308 -6.09 -6.60 -8.97
CA LEU B 308 -6.16 -5.17 -9.12
C LEU B 308 -5.49 -4.42 -7.98
N GLU B 309 -5.53 -5.02 -6.79
CA GLU B 309 -5.06 -4.30 -5.66
C GLU B 309 -3.58 -4.44 -5.53
N ARG B 310 -3.09 -5.63 -5.86
CA ARG B 310 -1.64 -5.86 -5.86
C ARG B 310 -0.99 -5.23 -7.08
N GLU B 311 -1.81 -4.85 -8.04
CA GLU B 311 -1.38 -4.22 -9.26
C GLU B 311 -1.53 -2.72 -9.10
N ASN B 312 -2.03 -2.32 -7.93
CA ASN B 312 -2.13 -0.92 -7.49
C ASN B 312 -3.13 -0.05 -8.20
N PHE B 313 -4.26 -0.62 -8.60
CA PHE B 313 -5.33 0.21 -9.16
C PHE B 313 -6.29 0.69 -8.09
N MET B 314 -6.12 0.13 -6.88
CA MET B 314 -6.91 0.48 -5.68
C MET B 314 -8.39 0.25 -5.89
N PRO B 315 -8.80 -1.01 -6.09
CA PRO B 315 -10.19 -1.30 -6.38
C PRO B 315 -11.00 -0.85 -5.18
N LEU B 316 -12.19 -0.32 -5.47
CA LEU B 316 -13.07 0.15 -4.43
C LEU B 316 -13.93 -0.97 -3.86
N ARG B 317 -14.76 -1.61 -4.72
CA ARG B 317 -15.57 -2.81 -4.36
C ARG B 317 -15.84 -3.69 -5.57
N SER B 318 -16.44 -4.86 -5.35
CA SER B 318 -16.86 -5.75 -6.42
C SER B 318 -18.35 -5.95 -6.38
N ALA B 319 -18.90 -6.42 -7.48
CA ALA B 319 -20.23 -7.03 -7.49
C ALA B 319 -20.31 -8.03 -8.63
N PHE B 320 -21.47 -8.64 -8.82
CA PHE B 320 -21.70 -9.59 -9.91
C PHE B 320 -23.20 -9.86 -10.15
N LYS B 321 -23.54 -10.07 -11.42
CA LYS B 321 -24.92 -10.32 -11.79
C LYS B 321 -24.92 -11.52 -12.71
N ALA B 322 -25.99 -12.29 -12.71
CA ALA B 322 -26.15 -13.26 -13.77
C ALA B 322 -27.53 -13.15 -14.42
N SER B 323 -27.55 -13.03 -15.75
CA SER B 323 -28.80 -12.85 -16.50
C SER B 323 -29.25 -14.15 -17.18
N GLU B 324 -30.17 -14.06 -18.13
CA GLU B 324 -30.50 -15.18 -19.02
C GLU B 324 -29.22 -15.73 -19.64
N GLU B 325 -28.47 -14.85 -20.30
CA GLU B 325 -27.40 -15.26 -21.19
C GLU B 325 -25.99 -15.01 -20.65
N PHE B 326 -25.81 -13.97 -19.85
CA PHE B 326 -24.45 -13.57 -19.52
C PHE B 326 -24.25 -13.38 -18.03
N CYS B 327 -22.99 -13.47 -17.62
CA CYS B 327 -22.58 -13.03 -16.31
C CYS B 327 -21.77 -11.77 -16.45
N TYR B 328 -21.79 -10.97 -15.38
CA TYR B 328 -21.09 -9.71 -15.34
C TYR B 328 -20.33 -9.67 -14.03
N LEU B 329 -19.08 -9.22 -14.10
CA LEU B 329 -18.25 -9.07 -12.92
C LEU B 329 -17.91 -7.61 -12.84
N LEU B 330 -18.39 -6.93 -11.81
CA LEU B 330 -18.34 -5.47 -11.80
C LEU B 330 -17.30 -4.95 -10.85
N PHE B 331 -16.53 -3.95 -11.29
CA PHE B 331 -15.46 -3.38 -10.47
C PHE B 331 -15.37 -1.87 -10.53
N GLU B 332 -14.90 -1.27 -9.43
CA GLU B 332 -14.65 0.16 -9.43
C GLU B 332 -13.30 0.47 -8.81
N CYS B 333 -12.46 1.23 -9.53
CA CYS B 333 -11.11 1.51 -9.08
C CYS B 333 -10.91 2.97 -8.92
N GLN B 334 -9.99 3.33 -8.05
CA GLN B 334 -9.70 4.73 -7.80
C GLN B 334 -8.74 5.26 -8.87
N ILE B 335 -8.08 4.34 -9.56
CA ILE B 335 -7.03 4.68 -10.53
C ILE B 335 -7.49 4.35 -11.95
N LYS B 336 -7.83 5.37 -12.72
CA LYS B 336 -8.19 5.20 -14.13
C LYS B 336 -6.94 4.96 -14.98
N GLU B 337 -5.81 5.47 -14.49
CA GLU B 337 -4.60 5.41 -15.27
C GLU B 337 -3.34 5.52 -14.42
N ILE B 338 -2.43 4.57 -14.59
CA ILE B 338 -1.17 4.57 -13.85
C ILE B 338 -0.04 4.78 -14.81
N SER B 339 1.10 5.28 -14.33
CA SER B 339 2.23 5.53 -15.23
C SER B 339 2.84 4.24 -15.77
N ARG B 340 3.48 4.34 -16.93
CA ARG B 340 4.14 3.22 -17.58
C ARG B 340 5.31 2.73 -16.74
N VAL B 341 6.20 3.64 -16.38
CA VAL B 341 7.34 3.31 -15.53
C VAL B 341 6.92 2.87 -14.09
N PHE B 342 7.71 2.00 -13.48
CA PHE B 342 7.54 1.64 -12.07
C PHE B 342 8.88 1.24 -11.43
N ARG B 343 8.85 0.89 -10.14
CA ARG B 343 10.07 0.66 -9.37
C ARG B 343 10.30 -0.81 -9.06
N ARG B 344 11.39 -1.38 -9.55
CA ARG B 344 11.73 -2.73 -9.19
C ARG B 344 12.94 -2.78 -8.28
N MET B 345 12.78 -3.55 -7.19
CA MET B 345 13.74 -3.65 -6.10
C MET B 345 14.82 -4.63 -6.47
N GLY B 346 16.07 -4.16 -6.46
CA GLY B 346 17.27 -5.00 -6.65
C GLY B 346 17.80 -5.51 -5.32
N PRO B 347 18.97 -6.17 -5.33
CA PRO B 347 19.65 -6.57 -4.11
C PRO B 347 20.38 -5.44 -3.40
N GLN B 348 20.92 -5.78 -2.23
CA GLN B 348 21.70 -4.88 -1.41
C GLN B 348 23.08 -4.74 -1.97
N PHE B 349 23.63 -3.54 -1.87
CA PHE B 349 24.88 -3.21 -2.53
C PHE B 349 26.04 -4.17 -2.26
N GLU B 350 25.98 -4.92 -1.16
CA GLU B 350 27.11 -5.79 -0.79
C GLU B 350 27.18 -7.02 -1.69
N ASP B 351 26.03 -7.59 -2.01
CA ASP B 351 25.92 -8.88 -2.71
C ASP B 351 26.39 -8.78 -4.17
N GLU B 352 27.71 -8.85 -4.39
CA GLU B 352 28.33 -8.51 -5.67
C GLU B 352 27.81 -9.30 -6.88
N ARG B 353 27.68 -10.61 -6.69
CA ARG B 353 27.23 -11.52 -7.74
C ARG B 353 25.84 -11.11 -8.22
N ASN B 354 24.95 -10.86 -7.28
CA ASN B 354 23.58 -10.52 -7.63
C ASN B 354 23.35 -9.13 -8.17
N VAL B 355 24.19 -8.20 -7.75
CA VAL B 355 24.20 -6.87 -8.32
C VAL B 355 24.51 -6.91 -9.81
N LYS B 356 25.62 -7.52 -10.18
CA LYS B 356 25.96 -7.72 -11.58
C LYS B 356 24.77 -8.24 -12.37
N LYS B 357 24.09 -9.22 -11.81
CA LYS B 357 22.95 -9.85 -12.46
C LYS B 357 21.81 -8.85 -12.69
N PHE B 358 21.49 -8.11 -11.64
CA PHE B 358 20.45 -7.10 -11.68
C PHE B 358 20.83 -6.00 -12.65
N LEU B 359 22.13 -5.73 -12.75
CA LEU B 359 22.64 -4.70 -13.65
C LEU B 359 22.80 -5.18 -15.08
N SER B 360 22.79 -6.49 -15.30
CA SER B 360 23.01 -6.99 -16.65
C SER B 360 21.77 -6.84 -17.52
N ARG B 361 20.61 -6.54 -16.92
CA ARG B 361 19.36 -6.51 -17.68
C ARG B 361 19.22 -5.23 -18.48
N ASN B 362 18.76 -5.35 -19.71
CA ASN B 362 18.46 -4.18 -20.53
C ASN B 362 17.21 -3.43 -20.08
N ARG B 363 17.38 -2.12 -19.90
CA ARG B 363 16.32 -1.26 -19.41
C ARG B 363 16.54 0.07 -20.11
N ALA B 364 15.56 0.96 -20.03
CA ALA B 364 15.62 2.21 -20.79
C ALA B 364 16.24 3.31 -19.95
N PHE B 365 16.30 3.05 -18.65
CA PHE B 365 16.79 4.02 -17.71
C PHE B 365 17.80 3.42 -16.74
N ARG B 366 18.86 4.19 -16.44
CA ARG B 366 19.88 3.84 -15.44
C ARG B 366 19.20 3.40 -14.13
N PRO B 367 19.64 2.30 -13.51
CA PRO B 367 19.15 1.96 -12.16
C PRO B 367 19.84 2.81 -11.09
N PHE B 368 19.36 2.78 -9.86
CA PHE B 368 19.90 3.68 -8.85
C PHE B 368 19.95 2.94 -7.53
N ILE B 369 20.66 3.53 -6.55
CA ILE B 369 20.78 2.98 -5.20
C ILE B 369 19.95 3.83 -4.24
N GLU B 370 19.27 3.17 -3.30
CA GLU B 370 18.44 3.86 -2.33
C GLU B 370 18.37 3.10 -1.03
N ASN B 371 18.67 3.82 0.06
CA ASN B 371 18.88 3.20 1.37
C ASN B 371 19.61 1.86 1.22
N GLY B 372 20.74 1.92 0.53
CA GLY B 372 21.68 0.81 0.41
C GLY B 372 21.32 -0.36 -0.47
N ARG B 373 20.20 -0.28 -1.16
CA ARG B 373 19.97 -1.29 -2.17
C ARG B 373 19.75 -0.71 -3.56
N TRP B 374 20.00 -1.56 -4.56
CA TRP B 374 19.69 -1.20 -5.92
C TRP B 374 18.21 -1.32 -6.24
N TRP B 375 17.79 -0.42 -7.12
CA TRP B 375 16.48 -0.37 -7.68
C TRP B 375 16.66 -0.03 -9.16
N ALA B 376 15.61 -0.36 -9.91
CA ALA B 376 15.56 -0.06 -11.32
C ALA B 376 14.17 0.42 -11.69
N PHE B 377 14.09 1.14 -12.79
CA PHE B 377 12.80 1.50 -13.34
C PHE B 377 12.51 0.47 -14.41
N GLU B 378 11.27 0.05 -14.51
CA GLU B 378 10.90 -0.91 -15.52
C GLU B 378 9.56 -0.40 -16.08
N MET B 379 9.10 -0.97 -17.19
CA MET B 379 7.85 -0.49 -17.81
C MET B 379 6.69 -1.47 -17.63
N ARG B 380 5.52 -0.95 -17.32
CA ARG B 380 4.36 -1.79 -17.20
C ARG B 380 3.93 -2.28 -18.57
N LYS B 381 3.16 -3.36 -18.60
CA LYS B 381 2.56 -3.83 -19.86
C LYS B 381 1.16 -3.24 -20.11
N PHE B 382 0.52 -2.74 -19.05
CA PHE B 382 -0.79 -2.12 -19.14
C PHE B 382 -0.79 -0.95 -18.19
N THR B 383 -1.63 0.04 -18.44
CA THR B 383 -1.63 1.26 -17.63
C THR B 383 -3.00 1.64 -17.09
N THR B 384 -4.05 1.01 -17.59
CA THR B 384 -5.41 1.16 -17.08
C THR B 384 -5.89 -0.17 -16.50
N PRO B 385 -6.83 -0.13 -15.54
CA PRO B 385 -7.36 -1.37 -14.95
C PRO B 385 -8.05 -2.30 -15.95
N GLU B 386 -8.81 -1.76 -16.91
CA GLU B 386 -9.33 -2.51 -18.04
C GLU B 386 -8.25 -3.34 -18.78
N GLU B 387 -7.23 -2.69 -19.37
CA GLU B 387 -6.12 -3.39 -20.04
C GLU B 387 -5.53 -4.46 -19.13
N GLY B 388 -5.47 -4.14 -17.84
CA GLY B 388 -4.84 -4.99 -16.83
C GLY B 388 -5.66 -6.23 -16.63
N VAL B 389 -6.95 -6.08 -16.38
CA VAL B 389 -7.80 -7.23 -16.23
C VAL B 389 -7.94 -8.05 -17.54
N ARG B 390 -7.85 -7.40 -18.69
CA ARG B 390 -7.80 -8.14 -19.97
C ARG B 390 -6.68 -9.19 -19.89
N SER B 391 -5.48 -8.74 -19.51
CA SER B 391 -4.33 -9.60 -19.37
C SER B 391 -4.56 -10.72 -18.34
N TYR B 392 -4.89 -10.33 -17.12
CA TYR B 392 -5.10 -11.27 -16.02
C TYR B 392 -6.13 -12.32 -16.38
N ALA B 393 -7.23 -11.89 -17.00
CA ALA B 393 -8.32 -12.77 -17.42
C ALA B 393 -7.91 -13.77 -18.52
N SER B 394 -7.11 -13.31 -19.48
CA SER B 394 -6.57 -14.20 -20.48
C SER B 394 -5.58 -15.18 -19.90
N THR B 395 -4.68 -14.70 -19.04
CA THR B 395 -3.67 -15.57 -18.45
C THR B 395 -4.22 -16.46 -17.33
N HIS B 396 -5.25 -16.03 -16.61
CA HIS B 396 -5.63 -16.75 -15.38
C HIS B 396 -7.02 -17.33 -15.34
N TRP B 397 -7.64 -17.48 -16.51
CA TRP B 397 -8.95 -18.11 -16.58
C TRP B 397 -9.04 -19.35 -15.68
N HIS B 398 -8.02 -20.22 -15.70
CA HIS B 398 -8.08 -21.49 -14.97
C HIS B 398 -8.37 -21.31 -13.50
N THR B 399 -7.96 -20.18 -12.94
CA THR B 399 -8.14 -19.97 -11.53
C THR B 399 -9.42 -19.23 -11.14
N LEU B 400 -10.33 -19.02 -12.08
CA LEU B 400 -11.48 -18.19 -11.76
C LEU B 400 -12.75 -19.01 -11.65
N GLY B 401 -12.64 -20.19 -11.06
CA GLY B 401 -13.76 -21.12 -10.94
C GLY B 401 -13.80 -22.13 -12.08
N LYS B 402 -14.22 -23.35 -11.77
CA LYS B 402 -14.33 -24.41 -12.76
C LYS B 402 -15.11 -24.04 -14.01
N ASN B 403 -16.36 -23.60 -13.86
CA ASN B 403 -17.19 -23.36 -15.01
C ASN B 403 -17.09 -21.93 -15.55
N VAL B 404 -16.87 -20.96 -14.67
CA VAL B 404 -16.77 -19.57 -15.09
C VAL B 404 -15.42 -19.28 -15.76
N GLY B 405 -14.38 -19.92 -15.25
CA GLY B 405 -13.07 -19.86 -15.89
C GLY B 405 -13.11 -20.39 -17.31
N GLU B 406 -13.60 -21.62 -17.48
CA GLU B 406 -13.75 -22.20 -18.82
C GLU B 406 -14.51 -21.29 -19.80
N SER B 407 -15.50 -20.56 -19.31
CA SER B 407 -16.35 -19.76 -20.17
C SER B 407 -15.62 -18.54 -20.65
N ILE B 408 -14.87 -17.96 -19.70
CA ILE B 408 -14.05 -16.79 -19.95
C ILE B 408 -12.94 -17.18 -20.90
N ARG B 409 -12.57 -18.47 -20.85
CA ARG B 409 -11.52 -18.95 -21.73
C ARG B 409 -11.98 -18.86 -23.17
N GLU B 410 -13.20 -19.31 -23.44
CA GLU B 410 -13.74 -19.25 -24.79
C GLU B 410 -13.85 -17.81 -25.27
N TYR B 411 -14.58 -17.03 -24.50
CA TYR B 411 -14.82 -15.64 -24.83
C TYR B 411 -15.13 -14.82 -23.58
N PHE B 412 -14.65 -13.57 -23.56
CA PHE B 412 -15.11 -12.55 -22.62
C PHE B 412 -14.88 -11.16 -23.20
N GLU B 413 -15.58 -10.16 -22.68
CA GLU B 413 -15.18 -8.79 -23.02
C GLU B 413 -15.14 -7.85 -21.85
N ILE B 414 -14.31 -6.81 -22.00
CA ILE B 414 -14.18 -5.74 -21.00
C ILE B 414 -15.11 -4.59 -21.39
N ILE B 415 -16.00 -4.25 -20.47
CA ILE B 415 -17.18 -3.49 -20.78
C ILE B 415 -17.10 -2.25 -19.90
N SER B 416 -17.17 -1.07 -20.49
CA SER B 416 -17.11 0.17 -19.71
C SER B 416 -17.83 1.37 -20.35
N GLY B 417 -18.07 2.39 -19.53
CA GLY B 417 -18.73 3.60 -20.00
C GLY B 417 -20.16 3.31 -20.40
N GLU B 418 -20.65 4.04 -21.41
CA GLU B 418 -22.08 4.00 -21.76
C GLU B 418 -22.49 2.64 -22.32
N LYS B 419 -21.51 1.93 -22.89
CA LYS B 419 -21.73 0.58 -23.36
C LYS B 419 -22.17 -0.26 -22.16
N LEU B 420 -21.57 0.02 -21.01
CA LEU B 420 -21.80 -0.71 -19.78
C LEU B 420 -23.16 -0.39 -19.16
N PHE B 421 -23.49 0.89 -19.18
CA PHE B 421 -24.70 1.38 -18.52
C PHE B 421 -25.99 0.87 -19.16
N LYS B 422 -25.92 0.46 -20.42
CA LYS B 422 -27.10 -0.12 -21.06
C LYS B 422 -27.08 -1.64 -20.97
N GLU B 423 -26.29 -2.18 -20.05
CA GLU B 423 -26.32 -3.62 -19.74
C GLU B 423 -27.07 -3.81 -18.41
N PRO B 424 -27.69 -4.99 -18.20
CA PRO B 424 -28.66 -5.12 -17.09
C PRO B 424 -28.04 -5.17 -15.67
N VAL B 425 -27.17 -4.20 -15.38
CA VAL B 425 -26.43 -4.19 -14.14
C VAL B 425 -26.65 -2.89 -13.34
N THR B 426 -27.55 -2.05 -13.83
CA THR B 426 -27.87 -0.78 -13.20
C THR B 426 -28.03 -0.87 -11.69
N ALA B 427 -28.92 -1.74 -11.23
CA ALA B 427 -29.17 -1.92 -9.79
C ALA B 427 -27.93 -2.28 -8.97
N GLU B 428 -27.10 -3.20 -9.47
CA GLU B 428 -25.91 -3.66 -8.75
C GLU B 428 -24.84 -2.60 -8.74
N LEU B 429 -24.73 -1.85 -9.82
CA LEU B 429 -23.83 -0.68 -9.84
C LEU B 429 -24.16 0.37 -8.75
N CYS B 430 -25.45 0.54 -8.45
CA CYS B 430 -25.92 1.44 -7.40
C CYS B 430 -25.60 0.90 -6.01
N GLU B 431 -26.10 -0.30 -5.73
CA GLU B 431 -25.81 -1.02 -4.50
C GLU B 431 -24.30 -0.95 -4.21
N MET B 432 -23.51 -1.13 -5.26
CA MET B 432 -22.07 -1.06 -5.18
C MET B 432 -21.51 0.33 -4.90
N MET B 433 -22.06 1.35 -5.55
CA MET B 433 -21.50 2.70 -5.42
C MET B 433 -22.10 3.47 -4.26
N GLY B 434 -23.13 2.89 -3.64
CA GLY B 434 -23.84 3.51 -2.53
C GLY B 434 -24.70 4.68 -2.96
N VAL B 435 -25.31 4.58 -4.14
CA VAL B 435 -26.15 5.66 -4.66
C VAL B 435 -27.45 5.81 -3.87
N LYS B 436 -27.90 7.05 -3.69
CA LYS B 436 -29.10 7.34 -2.89
C LYS B 436 -30.38 7.60 -3.72
N ASP B 437 -31.54 7.56 -3.05
CA ASP B 437 -32.84 7.88 -3.67
C ASP B 437 -33.27 6.85 -4.70
#